data_8ZC5
#
_entry.id   8ZC5
#
_cell.length_a   1.00
_cell.length_b   1.00
_cell.length_c   1.00
_cell.angle_alpha   90.00
_cell.angle_beta   90.00
_cell.angle_gamma   90.00
#
_symmetry.space_group_name_H-M   'P 1'
#
loop_
_entity.id
_entity.type
_entity.pdbx_description
1 polymer 'Spike protein S1'
2 polymer 'Light chain of D1F6 Fab'
3 polymer 'Heavy chain of D1F6 Fab'
4 non-polymer 2-acetamido-2-deoxy-beta-D-glucopyranose
#
loop_
_entity_poly.entity_id
_entity_poly.type
_entity_poly.pdbx_seq_one_letter_code
_entity_poly.pdbx_strand_id
1 'polypeptide(L)'
;ITNLCPFDEVFNATRFASVYAWNRKRISNCVADYSVLYNFAPFFAFKCYGVSPTKLNDLCFTNVYADSFVIRGNEVSQIA
PGQTGNIADYNYKLPDDFTGCVIAWNSNKLDSKVGGNYNYRYRLFRKSNLKPFERDISTEIYQAGNKPCNGVAGVNCYFP
LQSYGFRPTYGVGHQPYRVVVLSFELLHAPATVCGP
;
A,B
2 'polypeptide(L)'
;QPVLTQPPSASGPPGQSVSISCSGSRSNIGTNFVYWYQQLPGAAPKLLIYKNDQRPSGVPERFFGSKSGTSASLAISGLR
SEDEVDYYCAAWDDSLSGHVFGAGTKVTVL
;
C,D
3 'polypeptide(L)'
;EVQLVQSGAEVKKPGASVKVSCKASGYIFSDYNIHWVRQAPGQGLEWMGWISPDSDDTNYAQSFQGRVTMTRDTSITTVY
MELSSLRSDDTAVYFCARSVGYCSLNSCQRWMWFDTWGQGALVTVSS
;
E,F
#
loop_
_chem_comp.id
_chem_comp.type
_chem_comp.name
_chem_comp.formula
NAG D-saccharide, beta linking 2-acetamido-2-deoxy-beta-D-glucopyranose 'C8 H15 N O6'
#
# COMPACT_ATOMS: atom_id res chain seq x y z
N ILE A 1 2.39 -26.11 -28.67
CA ILE A 1 1.29 -25.84 -27.76
C ILE A 1 0.09 -25.31 -28.54
N THR A 2 -0.99 -26.09 -28.55
CA THR A 2 -2.21 -25.71 -29.26
C THR A 2 -3.27 -25.14 -28.33
N ASN A 3 -3.15 -25.33 -27.03
CA ASN A 3 -4.09 -24.79 -26.07
C ASN A 3 -3.54 -23.49 -25.48
N LEU A 4 -4.25 -22.95 -24.48
CA LEU A 4 -3.91 -21.65 -23.94
C LEU A 4 -2.63 -21.73 -23.09
N CYS A 5 -1.99 -20.57 -22.91
CA CYS A 5 -0.82 -20.49 -22.06
C CYS A 5 -1.20 -20.70 -20.59
N PRO A 6 -0.34 -21.34 -19.81
CA PRO A 6 -0.68 -21.66 -18.41
C PRO A 6 -0.58 -20.45 -17.47
N PHE A 7 -1.41 -19.43 -17.74
CA PHE A 7 -1.58 -18.37 -16.76
C PHE A 7 -2.44 -18.78 -15.59
N ASP A 8 -3.24 -19.83 -15.74
CA ASP A 8 -3.96 -20.38 -14.60
C ASP A 8 -3.03 -21.01 -13.58
N GLU A 9 -1.87 -21.52 -14.03
CA GLU A 9 -0.91 -22.10 -13.10
C GLU A 9 -0.20 -21.03 -12.29
N VAL A 10 0.05 -19.86 -12.88
CA VAL A 10 0.76 -18.80 -12.16
C VAL A 10 -0.19 -17.92 -11.36
N PHE A 11 -1.48 -17.90 -11.70
CA PHE A 11 -2.43 -17.08 -10.97
C PHE A 11 -3.16 -17.88 -9.88
N ASN A 12 -3.65 -19.07 -10.23
CA ASN A 12 -4.42 -19.91 -9.31
C ASN A 12 -3.55 -20.94 -8.61
N ALA A 13 -2.27 -20.63 -8.39
CA ALA A 13 -1.40 -21.53 -7.64
C ALA A 13 -1.81 -21.55 -6.18
N THR A 14 -1.67 -22.73 -5.56
CA THR A 14 -2.07 -22.87 -4.16
C THR A 14 -1.11 -22.18 -3.20
N ARG A 15 0.09 -21.82 -3.64
CA ARG A 15 1.05 -21.12 -2.82
C ARG A 15 1.84 -20.13 -3.66
N PHE A 16 2.24 -19.03 -3.04
CA PHE A 16 3.05 -18.01 -3.69
C PHE A 16 4.40 -17.88 -2.98
N ALA A 17 5.43 -17.57 -3.74
CA ALA A 17 6.73 -17.33 -3.15
C ALA A 17 6.75 -16.03 -2.39
N SER A 18 7.66 -15.92 -1.43
CA SER A 18 7.77 -14.73 -0.61
C SER A 18 8.49 -13.63 -1.39
N VAL A 19 8.65 -12.47 -0.76
CA VAL A 19 9.19 -11.30 -1.45
C VAL A 19 10.67 -11.46 -1.72
N TYR A 20 11.43 -11.94 -0.73
CA TYR A 20 12.88 -11.97 -0.82
C TYR A 20 13.38 -13.03 -1.80
N ALA A 21 12.53 -13.97 -2.21
CA ALA A 21 12.87 -15.02 -3.16
C ALA A 21 11.78 -15.16 -4.21
N TRP A 22 11.38 -14.04 -4.81
CA TRP A 22 10.25 -14.01 -5.72
C TRP A 22 10.51 -14.84 -6.96
N ASN A 23 9.48 -15.56 -7.40
CA ASN A 23 9.61 -16.48 -8.51
C ASN A 23 9.75 -15.74 -9.84
N ARG A 24 10.39 -16.40 -10.80
CA ARG A 24 10.60 -15.87 -12.15
C ARG A 24 10.22 -16.98 -13.13
N LYS A 25 8.94 -17.01 -13.51
CA LYS A 25 8.45 -18.06 -14.40
C LYS A 25 8.45 -17.55 -15.84
N ARG A 26 8.90 -18.40 -16.76
CA ARG A 26 9.03 -18.05 -18.16
C ARG A 26 7.92 -18.71 -18.97
N ILE A 27 7.25 -17.91 -19.79
CA ILE A 27 6.26 -18.40 -20.75
C ILE A 27 6.83 -18.18 -22.14
N SER A 28 7.03 -19.27 -22.87
CA SER A 28 7.62 -19.23 -24.20
C SER A 28 7.09 -20.42 -24.99
N ASN A 29 7.07 -20.26 -26.33
CA ASN A 29 6.58 -21.27 -27.28
C ASN A 29 5.15 -21.70 -26.94
N CYS A 30 4.28 -20.71 -26.82
CA CYS A 30 2.90 -20.95 -26.43
C CYS A 30 2.01 -19.85 -27.00
N VAL A 31 0.89 -20.25 -27.61
CA VAL A 31 -0.07 -19.27 -28.11
C VAL A 31 -0.85 -18.68 -26.93
N ALA A 32 -0.82 -17.36 -26.81
CA ALA A 32 -1.38 -16.66 -25.67
C ALA A 32 -2.62 -15.90 -26.07
N ASP A 33 -3.52 -15.72 -25.10
CA ASP A 33 -4.78 -15.04 -25.33
C ASP A 33 -4.90 -13.73 -24.57
N TYR A 34 -4.46 -13.70 -23.31
CA TYR A 34 -4.63 -12.58 -22.38
C TYR A 34 -6.09 -12.19 -22.19
N SER A 35 -7.02 -13.12 -22.45
CA SER A 35 -8.44 -12.85 -22.33
C SER A 35 -9.05 -13.42 -21.07
N VAL A 36 -8.44 -14.44 -20.48
CA VAL A 36 -8.91 -14.92 -19.19
C VAL A 36 -7.92 -14.56 -18.08
N LEU A 37 -8.08 -13.35 -17.56
CA LEU A 37 -7.49 -12.96 -16.30
C LEU A 37 -8.39 -12.03 -15.50
N TYR A 38 -9.57 -11.70 -16.02
CA TYR A 38 -10.54 -10.87 -15.31
C TYR A 38 -11.56 -11.70 -14.54
N ASN A 39 -11.44 -13.03 -14.58
CA ASN A 39 -12.35 -13.92 -13.88
C ASN A 39 -12.05 -14.01 -12.39
N PHE A 40 -10.97 -13.41 -11.92
CA PHE A 40 -10.59 -13.44 -10.53
C PHE A 40 -11.33 -12.34 -9.76
N ALA A 41 -10.88 -12.05 -8.55
CA ALA A 41 -11.47 -11.01 -7.73
C ALA A 41 -11.20 -9.64 -8.35
N PRO A 42 -12.03 -8.64 -8.04
CA PRO A 42 -11.73 -7.26 -8.47
C PRO A 42 -10.39 -6.79 -7.93
N PHE A 43 -9.48 -6.46 -8.85
CA PHE A 43 -8.10 -6.17 -8.50
C PHE A 43 -8.00 -4.88 -7.70
N PHE A 44 -7.05 -4.86 -6.76
CA PHE A 44 -6.77 -3.62 -6.04
C PHE A 44 -5.95 -2.67 -6.89
N ALA A 45 -5.05 -3.19 -7.73
CA ALA A 45 -4.24 -2.34 -8.61
C ALA A 45 -3.86 -3.17 -9.84
N PHE A 46 -4.52 -2.89 -10.96
CA PHE A 46 -4.24 -3.52 -12.25
C PHE A 46 -3.73 -2.42 -13.18
N LYS A 47 -2.41 -2.20 -13.16
CA LYS A 47 -1.84 -1.05 -13.85
C LYS A 47 -0.73 -1.51 -14.78
N CYS A 48 -0.78 -1.06 -16.04
CA CYS A 48 0.23 -1.42 -17.03
C CYS A 48 0.97 -0.18 -17.52
N TYR A 49 2.28 -0.33 -17.63
CA TYR A 49 3.17 0.72 -18.13
C TYR A 49 3.67 0.33 -19.51
N GLY A 50 3.60 1.28 -20.44
CA GLY A 50 4.05 1.03 -21.81
C GLY A 50 2.93 0.54 -22.71
N VAL A 51 2.47 -0.69 -22.49
CA VAL A 51 1.43 -1.30 -23.30
C VAL A 51 0.12 -1.22 -22.54
N SER A 52 -0.89 -0.62 -23.15
CA SER A 52 -2.20 -0.51 -22.53
C SER A 52 -2.87 -1.89 -22.42
N PRO A 53 -3.67 -2.12 -21.37
CA PRO A 53 -4.30 -3.44 -21.22
C PRO A 53 -5.57 -3.61 -22.03
N THR A 54 -5.53 -3.20 -23.29
CA THR A 54 -6.58 -3.43 -24.27
C THR A 54 -6.02 -4.03 -25.55
N LYS A 55 -4.83 -3.60 -25.98
CA LYS A 55 -4.17 -4.11 -27.17
C LYS A 55 -3.20 -5.25 -26.87
N LEU A 56 -3.43 -6.00 -25.79
CA LEU A 56 -2.54 -7.11 -25.45
C LEU A 56 -2.67 -8.26 -26.44
N ASN A 57 -3.89 -8.50 -26.95
CA ASN A 57 -4.12 -9.66 -27.79
C ASN A 57 -3.48 -9.49 -29.16
N ASP A 58 -3.68 -8.34 -29.79
CA ASP A 58 -3.20 -8.15 -31.16
C ASP A 58 -1.74 -7.71 -31.22
N LEU A 59 -1.13 -7.34 -30.10
CA LEU A 59 0.31 -7.09 -30.06
C LEU A 59 1.04 -8.39 -29.81
N CYS A 60 2.12 -8.60 -30.56
CA CYS A 60 2.80 -9.89 -30.60
C CYS A 60 4.19 -9.75 -30.01
N PHE A 61 4.54 -10.66 -29.10
CA PHE A 61 5.77 -10.60 -28.34
C PHE A 61 6.61 -11.84 -28.60
N THR A 62 7.73 -11.96 -27.89
CA THR A 62 8.63 -13.09 -28.03
C THR A 62 8.83 -13.89 -26.75
N ASN A 63 8.61 -13.29 -25.58
CA ASN A 63 8.76 -13.99 -24.31
C ASN A 63 7.90 -13.30 -23.27
N VAL A 64 7.39 -14.07 -22.31
CA VAL A 64 6.60 -13.54 -21.21
C VAL A 64 7.27 -13.93 -19.91
N TYR A 65 7.46 -12.96 -19.01
CA TYR A 65 8.03 -13.25 -17.70
C TYR A 65 7.01 -12.92 -16.62
N ALA A 66 6.85 -13.82 -15.66
CA ALA A 66 5.90 -13.65 -14.57
C ALA A 66 6.65 -13.66 -13.25
N ASP A 67 6.46 -12.60 -12.47
CA ASP A 67 6.96 -12.52 -11.10
C ASP A 67 5.77 -12.64 -10.15
N SER A 68 5.97 -13.33 -9.04
CA SER A 68 4.85 -13.62 -8.15
C SER A 68 5.28 -13.54 -6.70
N PHE A 69 4.62 -12.68 -5.93
CA PHE A 69 4.92 -12.58 -4.49
C PHE A 69 3.73 -11.93 -3.78
N VAL A 70 3.81 -11.85 -2.46
CA VAL A 70 2.73 -11.34 -1.63
C VAL A 70 3.25 -10.24 -0.72
N ILE A 71 2.55 -9.11 -0.70
CA ILE A 71 3.00 -7.93 0.04
C ILE A 71 1.84 -7.30 0.79
N ARG A 72 2.17 -6.48 1.78
CA ARG A 72 1.19 -5.80 2.62
C ARG A 72 0.50 -4.69 1.84
N GLY A 73 -0.59 -4.18 2.43
CA GLY A 73 -1.35 -3.12 1.80
C GLY A 73 -0.61 -1.80 1.75
N ASN A 74 0.19 -1.51 2.76
CA ASN A 74 0.88 -0.22 2.86
C ASN A 74 1.99 -0.06 1.82
N GLU A 75 2.38 -1.12 1.13
CA GLU A 75 3.52 -1.09 0.22
C GLU A 75 3.16 -1.58 -1.18
N VAL A 76 1.88 -1.56 -1.55
CA VAL A 76 1.50 -1.91 -2.92
C VAL A 76 1.96 -0.83 -3.88
N SER A 77 1.82 0.43 -3.50
CA SER A 77 2.23 1.54 -4.34
C SER A 77 3.74 1.65 -4.48
N GLN A 78 4.51 0.96 -3.63
CA GLN A 78 5.96 0.99 -3.75
C GLN A 78 6.44 0.19 -4.96
N ILE A 79 5.68 -0.79 -5.40
CA ILE A 79 6.05 -1.55 -6.59
C ILE A 79 5.66 -0.72 -7.81
N ALA A 80 6.62 0.05 -8.31
CA ALA A 80 6.40 0.99 -9.41
C ALA A 80 7.76 1.40 -9.95
N PRO A 81 7.84 1.79 -11.22
CA PRO A 81 9.10 2.34 -11.74
C PRO A 81 9.48 3.63 -11.04
N GLY A 82 10.75 3.71 -10.62
CA GLY A 82 11.27 4.90 -9.96
C GLY A 82 10.64 5.21 -8.62
N GLN A 83 10.44 4.19 -7.79
CA GLN A 83 9.82 4.37 -6.48
C GLN A 83 10.81 3.98 -5.39
N THR A 84 10.70 4.66 -4.25
CA THR A 84 11.59 4.44 -3.11
C THR A 84 10.78 3.87 -1.95
N GLY A 85 11.23 2.73 -1.43
CA GLY A 85 10.52 2.11 -0.33
C GLY A 85 11.29 0.92 0.22
N ASN A 86 10.64 0.22 1.15
CA ASN A 86 11.27 -0.92 1.80
C ASN A 86 11.40 -2.13 0.87
N ILE A 87 10.40 -2.36 0.03
CA ILE A 87 10.44 -3.43 -0.96
C ILE A 87 10.98 -2.86 -2.27
N ALA A 88 10.67 -1.59 -2.54
CA ALA A 88 11.09 -0.95 -3.77
C ALA A 88 12.61 -0.82 -3.91
N ASP A 89 13.34 -0.81 -2.80
CA ASP A 89 14.79 -0.67 -2.85
C ASP A 89 15.53 -1.94 -2.46
N TYR A 90 15.00 -2.75 -1.55
CA TYR A 90 15.77 -3.84 -0.96
C TYR A 90 15.32 -5.23 -1.41
N ASN A 91 14.11 -5.36 -1.95
CA ASN A 91 13.57 -6.67 -2.29
C ASN A 91 13.21 -6.83 -3.76
N TYR A 92 12.65 -5.81 -4.37
CA TYR A 92 12.20 -5.89 -5.76
C TYR A 92 12.33 -4.52 -6.39
N LYS A 93 13.35 -4.34 -7.22
CA LYS A 93 13.62 -3.07 -7.88
C LYS A 93 13.08 -3.13 -9.30
N LEU A 94 12.00 -2.41 -9.55
CA LEU A 94 11.48 -2.31 -10.90
C LEU A 94 12.20 -1.19 -11.64
N PRO A 95 12.70 -1.43 -12.85
CA PRO A 95 13.44 -0.40 -13.58
C PRO A 95 12.53 0.73 -14.01
N ASP A 96 13.16 1.87 -14.34
CA ASP A 96 12.43 3.03 -14.82
C ASP A 96 11.75 2.74 -16.15
N ASP A 97 12.42 2.01 -17.03
CA ASP A 97 11.83 1.54 -18.27
C ASP A 97 11.17 0.18 -18.00
N PHE A 98 9.85 0.13 -18.13
CA PHE A 98 9.09 -1.07 -17.80
C PHE A 98 7.91 -1.18 -18.75
N THR A 99 7.89 -2.22 -19.57
CA THR A 99 6.81 -2.48 -20.51
C THR A 99 6.09 -3.75 -20.05
N GLY A 100 4.98 -3.58 -19.36
CA GLY A 100 4.24 -4.73 -18.87
C GLY A 100 3.11 -4.29 -17.96
N CYS A 101 2.68 -5.21 -17.09
CA CYS A 101 1.58 -4.94 -16.17
C CYS A 101 1.96 -5.41 -14.78
N VAL A 102 1.35 -4.77 -13.77
CA VAL A 102 1.44 -5.20 -12.38
C VAL A 102 0.01 -5.37 -11.86
N ILE A 103 -0.26 -6.54 -11.29
CA ILE A 103 -1.60 -6.95 -10.88
C ILE A 103 -1.54 -7.30 -9.40
N ALA A 104 -2.24 -6.54 -8.57
CA ALA A 104 -2.27 -6.76 -7.13
C ALA A 104 -3.72 -6.88 -6.69
N TRP A 105 -4.07 -7.99 -6.05
CA TRP A 105 -5.44 -8.22 -5.60
C TRP A 105 -5.44 -8.84 -4.21
N ASN A 106 -6.65 -8.93 -3.64
CA ASN A 106 -6.83 -9.34 -2.26
C ASN A 106 -7.03 -10.83 -2.15
N SER A 107 -6.39 -11.43 -1.14
CA SER A 107 -6.47 -12.87 -0.90
C SER A 107 -6.62 -13.13 0.58
N ASN A 108 -7.48 -12.37 1.24
CA ASN A 108 -7.72 -12.57 2.68
C ASN A 108 -8.84 -13.57 2.93
N LYS A 109 -8.78 -14.71 2.25
CA LYS A 109 -9.70 -15.82 2.49
C LYS A 109 -9.01 -17.17 2.55
N LEU A 110 -7.85 -17.34 1.93
CA LEU A 110 -7.14 -18.61 1.95
C LEU A 110 -5.64 -18.42 2.13
N ASP A 111 -5.18 -17.19 2.32
CA ASP A 111 -3.77 -16.88 2.39
C ASP A 111 -3.46 -16.16 3.69
N SER A 112 -4.25 -16.41 4.73
CA SER A 112 -4.09 -15.73 6.01
C SER A 112 -4.65 -16.65 7.09
N LYS A 113 -3.78 -17.21 7.91
CA LYS A 113 -4.16 -18.17 8.93
C LYS A 113 -4.29 -17.45 10.27
N VAL A 114 -5.38 -17.70 10.98
CA VAL A 114 -5.67 -16.98 12.22
C VAL A 114 -4.65 -17.36 13.28
N GLY A 115 -4.14 -16.35 13.99
CA GLY A 115 -3.04 -16.52 14.91
C GLY A 115 -1.67 -16.30 14.31
N GLY A 116 -1.58 -16.07 13.00
CA GLY A 116 -0.31 -15.79 12.36
C GLY A 116 0.00 -16.69 11.19
N ASN A 117 0.49 -16.11 10.11
CA ASN A 117 0.98 -16.85 8.95
C ASN A 117 2.40 -16.34 8.70
N TYR A 118 3.37 -16.95 9.37
CA TYR A 118 4.75 -16.50 9.31
C TYR A 118 5.48 -16.99 8.06
N ASN A 119 4.79 -17.70 7.16
CA ASN A 119 5.43 -18.32 6.01
C ASN A 119 6.02 -17.32 5.02
N TYR A 120 5.65 -16.05 5.12
CA TYR A 120 6.16 -15.01 4.22
C TYR A 120 7.06 -14.05 4.99
N ARG A 121 8.16 -13.68 4.36
CA ARG A 121 9.16 -12.82 4.98
C ARG A 121 9.59 -11.77 3.97
N TYR A 122 10.31 -10.75 4.46
CA TYR A 122 10.98 -9.81 3.57
C TYR A 122 12.31 -9.44 4.21
N ARG A 123 13.20 -8.86 3.41
CA ARG A 123 14.52 -8.46 3.88
C ARG A 123 14.49 -6.99 4.26
N LEU A 124 14.82 -6.71 5.52
CA LEU A 124 14.80 -5.35 6.04
C LEU A 124 16.07 -4.58 5.76
N PHE A 125 17.23 -5.14 6.12
CA PHE A 125 18.50 -4.42 6.09
C PHE A 125 19.42 -5.06 5.06
N ARG A 126 20.16 -4.21 4.34
CA ARG A 126 21.10 -4.65 3.31
C ARG A 126 22.29 -3.71 3.31
N LYS A 127 23.39 -4.19 2.73
CA LYS A 127 24.61 -3.39 2.68
C LYS A 127 24.48 -2.21 1.72
N SER A 128 23.65 -2.34 0.68
CA SER A 128 23.47 -1.29 -0.30
C SER A 128 22.11 -1.49 -0.97
N ASN A 129 21.87 -0.74 -2.03
CA ASN A 129 20.64 -0.87 -2.80
C ASN A 129 20.71 -2.11 -3.68
N LEU A 130 19.60 -2.40 -4.37
CA LEU A 130 19.49 -3.61 -5.17
C LEU A 130 19.38 -3.25 -6.65
N LYS A 131 20.12 -3.99 -7.48
CA LYS A 131 20.04 -3.83 -8.92
C LYS A 131 18.65 -4.22 -9.42
N PRO A 132 18.16 -3.58 -10.49
CA PRO A 132 16.82 -3.90 -10.98
C PRO A 132 16.71 -5.32 -11.52
N PHE A 133 15.57 -5.94 -11.26
CA PHE A 133 15.25 -7.32 -11.66
C PHE A 133 16.31 -8.30 -11.15
N GLU A 134 16.47 -8.33 -9.82
CA GLU A 134 17.44 -9.21 -9.21
C GLU A 134 16.92 -9.67 -7.85
N ARG A 135 17.29 -10.89 -7.48
CA ARG A 135 16.88 -11.48 -6.21
C ARG A 135 18.08 -12.16 -5.56
N ASP A 136 17.99 -12.32 -4.24
CA ASP A 136 19.06 -12.95 -3.49
C ASP A 136 18.50 -13.51 -2.19
N ILE A 137 19.15 -14.55 -1.69
CA ILE A 137 18.76 -15.21 -0.44
C ILE A 137 19.91 -15.08 0.54
N SER A 138 19.62 -14.56 1.73
CA SER A 138 20.62 -14.33 2.76
C SER A 138 20.24 -15.07 4.03
N THR A 139 21.20 -15.83 4.57
CA THR A 139 21.01 -16.55 5.82
C THR A 139 22.08 -16.20 6.86
N GLU A 140 22.68 -15.02 6.74
CA GLU A 140 23.70 -14.57 7.68
C GLU A 140 23.32 -13.21 8.23
N ILE A 141 23.83 -12.94 9.44
CA ILE A 141 23.45 -11.72 10.16
C ILE A 141 24.04 -10.49 9.47
N TYR A 142 23.35 -9.37 9.59
CA TYR A 142 23.80 -8.09 9.04
C TYR A 142 24.24 -7.19 10.19
N GLN A 143 25.47 -6.70 10.11
CA GLN A 143 25.99 -5.78 11.09
C GLN A 143 25.74 -4.33 10.66
N ALA A 144 25.66 -3.43 11.63
CA ALA A 144 25.46 -2.02 11.37
C ALA A 144 26.39 -1.11 12.13
N GLY A 145 27.19 -1.64 13.06
CA GLY A 145 28.13 -0.85 13.82
C GLY A 145 29.54 -0.92 13.25
N ASN A 146 30.52 -0.71 14.13
CA ASN A 146 31.92 -0.77 13.76
C ASN A 146 32.61 -2.03 14.25
N LYS A 147 31.85 -3.08 14.54
CA LYS A 147 32.41 -4.35 15.00
C LYS A 147 31.79 -5.48 14.17
N PRO A 148 32.59 -6.42 13.67
CA PRO A 148 32.03 -7.58 12.97
C PRO A 148 31.33 -8.52 13.94
N CYS A 149 29.99 -8.52 13.96
CA CYS A 149 29.22 -9.33 14.93
C CYS A 149 29.40 -10.78 14.62
N ASN A 150 29.47 -11.15 13.37
CA ASN A 150 29.80 -12.49 12.84
C ASN A 150 28.96 -13.63 13.40
N GLY A 151 27.67 -13.41 13.68
CA GLY A 151 26.78 -14.52 13.95
C GLY A 151 26.21 -14.61 15.36
N VAL A 152 26.06 -13.48 16.04
CA VAL A 152 25.49 -13.43 17.38
C VAL A 152 24.35 -12.41 17.38
N ALA A 153 23.15 -12.85 17.75
CA ALA A 153 22.02 -11.94 17.80
C ALA A 153 22.12 -11.03 19.02
N GLY A 154 22.93 -9.98 18.92
CA GLY A 154 23.18 -9.12 20.05
C GLY A 154 22.86 -7.65 19.82
N VAL A 155 23.85 -6.78 19.97
CA VAL A 155 23.67 -5.34 19.92
C VAL A 155 24.24 -4.83 18.60
N ASN A 156 23.45 -4.01 17.89
CA ASN A 156 23.84 -3.33 16.66
C ASN A 156 24.22 -4.33 15.56
N CYS A 157 23.56 -5.48 15.56
CA CYS A 157 23.76 -6.54 14.58
C CYS A 157 22.53 -7.43 14.59
N TYR A 158 21.84 -7.52 13.46
CA TYR A 158 20.48 -8.03 13.40
C TYR A 158 20.28 -9.02 12.26
N PHE A 159 19.30 -9.90 12.45
CA PHE A 159 18.90 -10.81 11.38
C PHE A 159 18.19 -10.04 10.27
N PRO A 160 18.51 -10.32 9.00
CA PRO A 160 17.91 -9.51 7.92
C PRO A 160 16.45 -9.83 7.66
N LEU A 161 16.07 -11.10 7.64
CA LEU A 161 14.72 -11.48 7.28
C LEU A 161 13.77 -11.22 8.43
N GLN A 162 12.63 -10.59 8.12
CA GLN A 162 11.58 -10.32 9.08
C GLN A 162 10.27 -10.84 8.52
N SER A 163 9.54 -11.60 9.34
CA SER A 163 8.25 -12.15 8.93
C SER A 163 7.12 -11.21 9.33
N TYR A 164 5.96 -11.45 8.74
CA TYR A 164 4.80 -10.60 9.00
C TYR A 164 3.54 -11.44 8.78
N GLY A 165 2.96 -11.91 9.90
CA GLY A 165 1.77 -12.73 9.80
C GLY A 165 0.54 -11.91 9.47
N PHE A 166 -0.46 -12.59 8.92
CA PHE A 166 -1.72 -11.96 8.51
C PHE A 166 -2.84 -12.52 9.37
N ARG A 167 -3.12 -11.86 10.46
CA ARG A 167 -4.32 -12.28 11.16
C ARG A 167 -5.54 -11.66 10.51
N PRO A 168 -6.69 -12.33 10.53
CA PRO A 168 -7.91 -11.74 9.94
C PRO A 168 -8.42 -10.51 10.67
N THR A 169 -7.98 -10.27 11.91
CA THR A 169 -8.38 -9.08 12.65
C THR A 169 -7.72 -7.81 12.13
N TYR A 170 -6.73 -7.93 11.25
CA TYR A 170 -6.08 -6.76 10.67
C TYR A 170 -7.03 -6.02 9.73
N GLY A 171 -6.76 -4.74 9.54
CA GLY A 171 -7.48 -3.92 8.58
C GLY A 171 -6.94 -4.09 7.18
N VAL A 172 -7.37 -3.20 6.29
CA VAL A 172 -7.00 -3.28 4.88
C VAL A 172 -5.50 -3.08 4.69
N GLY A 173 -4.86 -2.26 5.54
CA GLY A 173 -3.47 -1.92 5.37
C GLY A 173 -2.49 -3.06 5.58
N HIS A 174 -2.91 -4.15 6.21
CA HIS A 174 -2.01 -5.26 6.52
C HIS A 174 -2.62 -6.60 6.12
N GLN A 175 -3.43 -6.61 5.07
CA GLN A 175 -3.89 -7.88 4.51
C GLN A 175 -2.88 -8.37 3.48
N PRO A 176 -2.77 -9.68 3.24
CA PRO A 176 -1.83 -10.15 2.22
C PRO A 176 -2.36 -9.97 0.80
N TYR A 177 -1.83 -8.97 0.10
CA TYR A 177 -2.17 -8.75 -1.30
C TYR A 177 -1.24 -9.59 -2.16
N ARG A 178 -1.82 -10.44 -2.99
CA ARG A 178 -1.04 -11.20 -3.96
C ARG A 178 -0.79 -10.32 -5.17
N VAL A 179 0.48 -10.16 -5.55
CA VAL A 179 0.86 -9.32 -6.66
C VAL A 179 1.73 -10.11 -7.63
N VAL A 180 1.39 -10.05 -8.90
CA VAL A 180 2.18 -10.60 -9.98
C VAL A 180 2.62 -9.44 -10.88
N VAL A 181 3.74 -9.65 -11.55
CA VAL A 181 4.28 -8.69 -12.50
C VAL A 181 4.49 -9.41 -13.82
N LEU A 182 3.75 -9.01 -14.84
CA LEU A 182 3.93 -9.54 -16.19
C LEU A 182 4.86 -8.60 -16.94
N SER A 183 5.95 -9.15 -17.46
CA SER A 183 6.99 -8.39 -18.13
C SER A 183 7.20 -8.91 -19.54
N PHE A 184 7.37 -7.98 -20.48
CA PHE A 184 7.63 -8.27 -21.88
C PHE A 184 8.93 -7.58 -22.29
N GLU A 185 9.36 -7.83 -23.52
CA GLU A 185 10.57 -7.23 -24.02
C GLU A 185 10.46 -7.02 -25.53
N LEU A 186 11.50 -6.41 -26.10
CA LEU A 186 11.49 -6.03 -27.51
C LEU A 186 11.65 -7.25 -28.41
N LEU A 187 11.44 -7.02 -29.70
CA LEU A 187 11.49 -8.08 -30.71
C LEU A 187 12.93 -8.20 -31.21
N HIS A 188 13.71 -9.05 -30.55
CA HIS A 188 15.06 -9.38 -30.98
C HIS A 188 15.16 -10.77 -31.60
N ALA A 189 14.11 -11.56 -31.51
CA ALA A 189 14.03 -12.92 -32.03
C ALA A 189 12.71 -13.06 -32.77
N PRO A 190 12.58 -14.07 -33.64
CA PRO A 190 11.27 -14.35 -34.24
C PRO A 190 10.22 -14.66 -33.18
N ALA A 191 9.04 -14.10 -33.37
CA ALA A 191 7.99 -14.16 -32.35
C ALA A 191 7.34 -15.53 -32.32
N THR A 192 7.13 -16.04 -31.12
CA THR A 192 6.43 -17.31 -30.95
C THR A 192 5.22 -17.20 -30.04
N VAL A 193 5.32 -16.46 -28.94
CA VAL A 193 4.17 -16.22 -28.08
C VAL A 193 3.36 -15.08 -28.71
N CYS A 194 2.18 -15.42 -29.23
CA CYS A 194 1.46 -14.46 -30.04
C CYS A 194 -0.04 -14.73 -29.91
N GLY A 195 -0.84 -13.72 -30.24
CA GLY A 195 -2.28 -13.83 -30.17
C GLY A 195 -2.82 -14.76 -31.23
N PRO A 196 -4.00 -15.36 -30.96
CA PRO A 196 -4.61 -16.29 -31.92
C PRO A 196 -5.42 -15.57 -32.99
N PHE B 7 -5.44 39.18 -36.69
CA PHE B 7 -4.37 38.38 -36.11
C PHE B 7 -4.11 38.77 -34.66
N ASP B 8 -4.48 40.00 -34.30
CA ASP B 8 -4.28 40.47 -32.94
C ASP B 8 -5.23 39.81 -31.96
N GLU B 9 -6.36 39.29 -32.42
CA GLU B 9 -7.31 38.67 -31.51
C GLU B 9 -6.87 37.28 -31.07
N VAL B 10 -6.27 36.51 -31.98
CA VAL B 10 -5.96 35.12 -31.68
C VAL B 10 -4.53 34.91 -31.18
N PHE B 11 -3.58 35.77 -31.57
CA PHE B 11 -2.20 35.60 -31.11
C PHE B 11 -2.00 36.17 -29.71
N ASN B 12 -2.47 37.34 -29.39
CA ASN B 12 -2.18 37.92 -28.08
C ASN B 12 -3.21 37.57 -27.05
N ALA B 13 -4.17 36.74 -27.42
CA ALA B 13 -5.26 36.41 -26.52
C ALA B 13 -4.71 36.01 -25.15
N THR B 14 -5.36 36.50 -24.10
CA THR B 14 -4.91 36.19 -22.74
C THR B 14 -5.16 34.72 -22.40
N ARG B 15 -6.30 34.19 -22.81
CA ARG B 15 -6.69 32.81 -22.51
C ARG B 15 -6.60 31.95 -23.77
N PHE B 16 -5.84 30.87 -23.68
CA PHE B 16 -5.77 29.86 -24.73
C PHE B 16 -6.49 28.60 -24.27
N ALA B 17 -7.28 28.02 -25.16
CA ALA B 17 -8.05 26.83 -24.82
C ALA B 17 -7.14 25.62 -24.69
N SER B 18 -7.64 24.58 -24.02
CA SER B 18 -6.90 23.35 -23.83
C SER B 18 -6.84 22.56 -25.14
N VAL B 19 -6.28 21.35 -25.06
CA VAL B 19 -5.96 20.60 -26.27
C VAL B 19 -7.22 20.02 -26.90
N TYR B 20 -8.03 19.32 -26.11
CA TYR B 20 -9.12 18.54 -26.67
C TYR B 20 -10.26 19.43 -27.16
N ALA B 21 -10.48 20.57 -26.52
CA ALA B 21 -11.50 21.53 -26.96
C ALA B 21 -10.77 22.79 -27.40
N TRP B 22 -10.34 22.81 -28.65
CA TRP B 22 -9.56 23.90 -29.18
C TRP B 22 -10.45 24.93 -29.86
N ASN B 23 -10.04 26.19 -29.78
CA ASN B 23 -10.77 27.26 -30.45
C ASN B 23 -10.61 27.15 -31.96
N ARG B 24 -11.67 27.55 -32.67
CA ARG B 24 -11.63 27.65 -34.14
C ARG B 24 -12.12 29.04 -34.49
N LYS B 25 -11.18 29.96 -34.68
CA LYS B 25 -11.49 31.34 -35.01
C LYS B 25 -11.35 31.56 -36.50
N ARG B 26 -12.44 32.00 -37.14
CA ARG B 26 -12.40 32.28 -38.55
C ARG B 26 -11.64 33.58 -38.83
N ILE B 27 -11.19 33.72 -40.07
CA ILE B 27 -10.48 34.93 -40.49
C ILE B 27 -11.08 35.43 -41.79
N SER B 35 -1.72 42.38 -40.76
CA SER B 35 -0.62 42.72 -39.87
C SER B 35 0.61 41.86 -40.19
N VAL B 36 1.52 41.77 -39.22
CA VAL B 36 2.72 40.97 -39.36
C VAL B 36 2.81 40.04 -38.15
N LEU B 37 3.45 38.89 -38.34
CA LEU B 37 3.47 37.86 -37.30
C LEU B 37 4.82 37.77 -36.58
N TYR B 38 5.86 38.38 -37.13
CA TYR B 38 7.21 38.27 -36.57
C TYR B 38 7.46 39.23 -35.42
N ASN B 39 6.46 40.02 -35.02
CA ASN B 39 6.59 40.96 -33.91
C ASN B 39 6.30 40.32 -32.55
N PHE B 40 6.47 39.01 -32.43
CA PHE B 40 6.25 38.25 -31.21
C PHE B 40 7.55 37.61 -30.75
N ALA B 41 7.44 36.71 -29.77
CA ALA B 41 8.58 35.95 -29.29
C ALA B 41 9.11 35.05 -30.42
N PRO B 42 10.40 34.71 -30.39
CA PRO B 42 10.95 33.82 -31.43
C PRO B 42 10.26 32.46 -31.44
N PHE B 43 10.04 31.94 -32.64
CA PHE B 43 9.17 30.79 -32.84
C PHE B 43 9.93 29.49 -32.70
N PHE B 44 9.36 28.55 -31.96
CA PHE B 44 9.96 27.22 -31.83
C PHE B 44 9.93 26.48 -33.16
N ALA B 45 8.85 26.62 -33.93
CA ALA B 45 8.71 25.93 -35.20
C ALA B 45 7.74 26.71 -36.07
N PHE B 46 8.24 27.19 -37.22
CA PHE B 46 7.43 27.86 -38.23
C PHE B 46 7.68 27.10 -39.53
N LYS B 47 6.95 26.01 -39.73
CA LYS B 47 7.14 25.14 -40.89
C LYS B 47 5.83 25.01 -41.66
N CYS B 48 5.65 25.88 -42.65
CA CYS B 48 4.48 25.82 -43.50
C CYS B 48 4.59 24.67 -44.49
N TYR B 49 3.45 24.06 -44.80
CA TYR B 49 3.36 22.97 -45.76
C TYR B 49 2.60 23.42 -47.00
N GLY B 50 3.14 23.10 -48.16
CA GLY B 50 2.55 23.54 -49.41
C GLY B 50 2.96 24.95 -49.77
N VAL B 51 2.40 25.93 -49.08
CA VAL B 51 2.82 27.32 -49.26
C VAL B 51 4.11 27.55 -48.50
N SER B 52 4.94 28.47 -48.99
CA SER B 52 6.19 28.70 -48.30
C SER B 52 6.12 30.00 -47.48
N PRO B 53 6.79 30.04 -46.32
CA PRO B 53 6.74 31.25 -45.48
C PRO B 53 7.29 32.50 -46.14
N THR B 54 8.30 32.37 -47.00
CA THR B 54 8.89 33.55 -47.62
C THR B 54 7.98 34.14 -48.69
N LYS B 55 7.33 33.28 -49.48
CA LYS B 55 6.43 33.73 -50.53
C LYS B 55 4.99 33.92 -50.03
N LEU B 56 4.77 33.81 -48.72
CA LEU B 56 3.42 33.92 -48.18
C LEU B 56 2.88 35.34 -48.30
N ASN B 57 3.70 36.34 -47.96
CA ASN B 57 3.25 37.72 -48.03
C ASN B 57 3.11 38.22 -49.48
N ASP B 58 3.93 37.70 -50.39
CA ASP B 58 3.72 38.00 -51.81
C ASP B 58 2.48 37.29 -52.37
N LEU B 59 2.01 36.24 -51.72
CA LEU B 59 0.82 35.53 -52.18
C LEU B 59 -0.42 36.36 -51.92
N ASN B 63 -10.91 31.46 -47.22
CA ASN B 63 -11.14 30.62 -46.07
C ASN B 63 -9.84 30.29 -45.34
N VAL B 64 -9.63 30.94 -44.19
CA VAL B 64 -8.47 30.71 -43.35
C VAL B 64 -8.96 30.37 -41.95
N TYR B 65 -8.67 29.17 -41.49
CA TYR B 65 -9.00 28.75 -40.14
C TYR B 65 -7.80 28.94 -39.23
N ALA B 66 -8.04 29.45 -38.03
CA ALA B 66 -6.98 29.69 -37.04
C ALA B 66 -7.33 28.90 -35.79
N ASP B 67 -6.81 27.69 -35.69
CA ASP B 67 -7.01 26.83 -34.54
C ASP B 67 -5.82 27.01 -33.60
N SER B 68 -6.09 27.37 -32.35
CA SER B 68 -5.03 27.63 -31.38
C SER B 68 -5.27 26.81 -30.11
N PHE B 69 -4.18 26.29 -29.56
CA PHE B 69 -4.20 25.56 -28.30
C PHE B 69 -2.80 25.60 -27.71
N VAL B 70 -2.56 24.78 -26.69
CA VAL B 70 -1.27 24.71 -26.01
C VAL B 70 -0.78 23.28 -26.02
N ILE B 71 0.53 23.09 -26.19
CA ILE B 71 1.13 21.76 -26.25
C ILE B 71 2.36 21.73 -25.36
N ARG B 72 2.57 20.60 -24.69
CA ARG B 72 3.84 20.31 -24.05
C ARG B 72 4.95 20.29 -25.10
N GLY B 73 6.12 20.81 -24.71
CA GLY B 73 7.22 21.02 -25.65
C GLY B 73 7.74 19.76 -26.31
N ASN B 74 7.53 18.60 -25.70
CA ASN B 74 7.91 17.34 -26.32
C ASN B 74 7.03 17.05 -27.53
N GLU B 75 5.74 17.38 -27.44
CA GLU B 75 4.74 16.91 -28.40
C GLU B 75 4.41 17.94 -29.47
N VAL B 76 5.22 19.00 -29.59
CA VAL B 76 5.01 19.98 -30.65
C VAL B 76 5.32 19.38 -32.01
N SER B 77 6.29 18.47 -32.07
CA SER B 77 6.66 17.81 -33.31
C SER B 77 5.59 16.84 -33.82
N GLN B 78 4.58 16.53 -33.01
CA GLN B 78 3.49 15.67 -33.43
C GLN B 78 2.45 16.38 -34.28
N ILE B 79 2.52 17.71 -34.38
CA ILE B 79 1.60 18.48 -35.23
C ILE B 79 2.25 18.57 -36.60
N ALA B 80 1.92 17.61 -37.45
CA ALA B 80 2.48 17.51 -38.80
C ALA B 80 1.52 16.66 -39.61
N PRO B 81 1.48 16.85 -40.94
CA PRO B 81 0.54 16.06 -41.75
C PRO B 81 0.90 14.59 -41.86
N GLY B 82 0.11 13.73 -41.23
CA GLY B 82 0.25 12.30 -41.40
C GLY B 82 1.30 11.62 -40.55
N GLN B 83 1.21 11.78 -39.23
CA GLN B 83 2.03 11.00 -38.31
C GLN B 83 1.28 10.85 -36.99
N THR B 84 1.50 9.71 -36.35
CA THR B 84 0.79 9.35 -35.14
C THR B 84 1.60 9.76 -33.91
N GLY B 85 1.14 9.34 -32.73
CA GLY B 85 1.78 9.71 -31.48
C GLY B 85 0.84 9.61 -30.30
N ASN B 86 0.74 10.67 -29.51
CA ASN B 86 -0.17 10.68 -28.37
C ASN B 86 -1.39 11.54 -28.65
N ILE B 87 -1.24 12.85 -28.47
CA ILE B 87 -2.36 13.76 -28.69
C ILE B 87 -2.76 13.82 -30.16
N ALA B 88 -1.82 13.51 -31.05
CA ALA B 88 -2.09 13.58 -32.48
C ALA B 88 -3.22 12.66 -32.91
N ASP B 89 -3.21 11.42 -32.43
CA ASP B 89 -4.22 10.45 -32.85
C ASP B 89 -5.43 10.42 -31.93
N TYR B 90 -5.50 11.34 -30.98
CA TYR B 90 -6.63 11.38 -30.06
C TYR B 90 -7.28 12.75 -29.95
N ASN B 91 -6.53 13.83 -30.14
CA ASN B 91 -7.05 15.17 -29.85
C ASN B 91 -7.11 16.07 -31.08
N TYR B 92 -6.02 16.21 -31.83
CA TYR B 92 -6.00 17.10 -32.99
C TYR B 92 -5.20 16.41 -34.08
N LYS B 93 -5.91 15.81 -35.04
CA LYS B 93 -5.29 15.10 -36.15
C LYS B 93 -5.40 15.96 -37.41
N LEU B 94 -4.26 16.32 -37.99
CA LEU B 94 -4.29 17.03 -39.25
C LEU B 94 -4.56 16.05 -40.39
N PRO B 95 -5.19 16.51 -41.47
CA PRO B 95 -5.44 15.62 -42.61
C PRO B 95 -4.16 15.29 -43.35
N ASP B 96 -4.25 14.28 -44.23
CA ASP B 96 -3.10 13.85 -45.00
C ASP B 96 -2.62 14.94 -45.95
N ASP B 97 -3.54 15.66 -46.58
CA ASP B 97 -3.20 16.82 -47.38
C ASP B 97 -3.41 18.10 -46.56
N PHE B 98 -2.38 18.94 -46.52
CA PHE B 98 -2.40 20.13 -45.69
C PHE B 98 -1.81 21.30 -46.48
N THR B 99 -2.41 22.47 -46.35
CA THR B 99 -1.93 23.67 -47.03
C THR B 99 -1.60 24.80 -46.07
N GLY B 100 -1.64 24.57 -44.76
CA GLY B 100 -1.50 25.63 -43.78
C GLY B 100 -0.12 25.69 -43.16
N CYS B 101 -0.02 26.54 -42.14
CA CYS B 101 1.21 26.74 -41.37
C CYS B 101 0.97 26.36 -39.92
N VAL B 102 2.06 26.05 -39.22
CA VAL B 102 2.03 25.82 -37.78
C VAL B 102 3.02 26.77 -37.12
N ILE B 103 2.55 27.50 -36.11
CA ILE B 103 3.33 28.55 -35.46
C ILE B 103 3.36 28.25 -33.98
N ALA B 104 4.51 27.79 -33.48
CA ALA B 104 4.67 27.46 -32.08
C ALA B 104 5.72 28.37 -31.46
N TRP B 105 5.35 29.05 -30.38
CA TRP B 105 6.26 29.97 -29.69
C TRP B 105 6.27 29.69 -28.20
N ASN B 106 7.28 30.22 -27.53
CA ASN B 106 7.46 30.03 -26.09
C ASN B 106 6.42 30.81 -25.30
N SER B 107 5.95 30.19 -24.22
CA SER B 107 5.10 30.88 -23.25
C SER B 107 5.39 30.26 -21.88
N ASN B 108 6.32 30.88 -21.15
CA ASN B 108 6.73 30.38 -19.85
C ASN B 108 6.50 31.36 -18.72
N LYS B 109 6.40 32.67 -19.00
CA LYS B 109 6.08 33.66 -17.98
C LYS B 109 4.60 34.04 -18.01
N LEU B 110 3.79 33.34 -18.79
CA LEU B 110 2.34 33.55 -18.82
C LEU B 110 1.54 32.34 -18.39
N ASP B 111 1.83 31.16 -18.93
CA ASP B 111 1.02 29.97 -18.71
C ASP B 111 1.66 28.97 -17.76
N SER B 112 2.77 29.33 -17.12
CA SER B 112 3.42 28.45 -16.16
C SER B 112 3.65 29.20 -14.85
N LYS B 113 3.41 28.50 -13.75
CA LYS B 113 3.54 29.10 -12.43
C LYS B 113 3.84 28.01 -11.42
N VAL B 114 4.37 28.43 -10.26
CA VAL B 114 4.77 27.48 -9.23
C VAL B 114 3.54 26.79 -8.66
N GLY B 115 3.67 25.49 -8.39
CA GLY B 115 2.57 24.67 -7.94
C GLY B 115 1.84 23.97 -9.08
N GLY B 116 2.00 24.45 -10.30
CA GLY B 116 1.39 23.81 -11.45
C GLY B 116 0.23 24.59 -12.02
N ASN B 117 -0.07 24.34 -13.29
CA ASN B 117 -1.23 24.93 -13.96
C ASN B 117 -2.14 23.78 -14.37
N TYR B 118 -3.23 23.60 -13.63
CA TYR B 118 -4.15 22.47 -13.86
C TYR B 118 -5.32 22.88 -14.74
N ASN B 119 -5.12 23.83 -15.64
CA ASN B 119 -6.12 24.24 -16.61
C ASN B 119 -5.98 23.53 -17.95
N TYR B 120 -4.75 23.37 -18.44
CA TYR B 120 -4.52 22.99 -19.82
C TYR B 120 -4.46 21.47 -19.93
N ARG B 121 -5.62 20.85 -19.79
CA ARG B 121 -5.76 19.41 -19.83
C ARG B 121 -5.63 18.88 -21.25
N TYR B 122 -5.59 17.56 -21.39
CA TYR B 122 -5.59 16.93 -22.69
C TYR B 122 -6.27 15.57 -22.56
N ARG B 123 -6.91 15.13 -23.63
CA ARG B 123 -7.57 13.83 -23.65
C ARG B 123 -6.53 12.77 -23.99
N LEU B 124 -6.47 11.73 -23.17
CA LEU B 124 -5.41 10.74 -23.24
C LEU B 124 -5.88 9.39 -23.76
N PHE B 125 -7.05 8.92 -23.35
CA PHE B 125 -7.61 7.65 -23.80
C PHE B 125 -8.85 7.90 -24.64
N ARG B 126 -8.96 7.19 -25.76
CA ARG B 126 -10.12 7.24 -26.63
C ARG B 126 -10.35 5.85 -27.20
N LYS B 127 -11.57 5.63 -27.72
CA LYS B 127 -11.91 4.34 -28.31
C LYS B 127 -11.05 4.03 -29.53
N SER B 128 -10.85 5.02 -30.40
CA SER B 128 -10.09 4.83 -31.63
C SER B 128 -9.61 6.19 -32.11
N ASN B 129 -8.81 6.17 -33.17
CA ASN B 129 -8.32 7.40 -33.77
C ASN B 129 -9.47 8.16 -34.42
N LEU B 130 -9.39 9.48 -34.36
CA LEU B 130 -10.48 10.36 -34.77
C LEU B 130 -10.27 10.87 -36.19
N LYS B 131 -11.35 11.38 -36.77
CA LYS B 131 -11.30 11.96 -38.09
C LYS B 131 -10.51 13.28 -38.07
N PRO B 132 -9.91 13.66 -39.20
CA PRO B 132 -9.18 14.94 -39.24
C PRO B 132 -10.08 16.13 -39.03
N PHE B 133 -9.54 17.15 -38.34
CA PHE B 133 -10.24 18.39 -37.99
C PHE B 133 -11.52 18.11 -37.20
N GLU B 134 -11.33 17.50 -36.03
CA GLU B 134 -12.47 17.16 -35.19
C GLU B 134 -12.07 17.34 -33.73
N ARG B 135 -13.02 17.82 -32.92
CA ARG B 135 -12.86 17.92 -31.49
C ARG B 135 -14.01 17.21 -30.81
N ASP B 136 -13.79 16.80 -29.56
CA ASP B 136 -14.83 16.10 -28.82
C ASP B 136 -14.74 16.44 -27.33
N ILE B 137 -15.58 17.36 -26.88
CA ILE B 137 -15.56 17.75 -25.47
C ILE B 137 -16.39 16.79 -24.64
N SER B 138 -15.82 15.63 -24.33
CA SER B 138 -16.53 14.63 -23.55
C SER B 138 -15.69 14.15 -22.37
N THR B 139 -16.33 13.52 -21.39
CA THR B 139 -15.62 13.03 -20.23
C THR B 139 -16.06 11.63 -19.80
N GLU B 140 -17.03 11.07 -20.52
CA GLU B 140 -17.52 9.75 -20.16
C GLU B 140 -16.36 8.78 -19.96
N ILE B 141 -16.48 7.93 -18.94
CA ILE B 141 -15.35 7.14 -18.49
C ILE B 141 -15.01 6.06 -19.50
N TYR B 142 -13.73 6.00 -19.89
CA TYR B 142 -13.25 4.97 -20.79
C TYR B 142 -13.32 3.60 -20.13
N GLN B 143 -13.71 2.60 -20.91
CA GLN B 143 -13.78 1.22 -20.44
C GLN B 143 -12.57 0.46 -20.99
N ALA B 144 -11.71 -0.02 -20.08
CA ALA B 144 -10.49 -0.71 -20.46
C ALA B 144 -10.51 -2.18 -20.06
N GLY B 145 -11.69 -2.73 -19.75
CA GLY B 145 -11.83 -4.12 -19.39
C GLY B 145 -13.03 -4.73 -20.09
N ASN B 146 -13.66 -5.68 -19.40
CA ASN B 146 -14.89 -6.30 -19.87
C ASN B 146 -16.12 -5.95 -19.04
N LYS B 147 -15.95 -5.56 -17.79
CA LYS B 147 -17.07 -5.10 -16.97
C LYS B 147 -17.51 -3.72 -17.44
N PRO B 148 -18.81 -3.51 -17.68
CA PRO B 148 -19.26 -2.19 -18.13
C PRO B 148 -19.23 -1.15 -17.02
N CYS B 149 -18.25 -0.24 -17.08
CA CYS B 149 -18.14 0.84 -16.11
C CYS B 149 -19.05 1.97 -16.57
N ASN B 150 -20.26 2.02 -16.00
CA ASN B 150 -21.21 3.06 -16.37
C ASN B 150 -20.83 4.43 -15.80
N GLY B 151 -20.43 4.48 -14.54
CA GLY B 151 -20.04 5.74 -13.93
C GLY B 151 -18.93 5.62 -12.92
N VAL B 152 -18.31 4.45 -12.82
CA VAL B 152 -17.29 4.18 -11.82
C VAL B 152 -15.95 4.08 -12.53
N ALA B 153 -15.06 5.03 -12.25
CA ALA B 153 -13.70 4.99 -12.77
C ALA B 153 -12.77 4.43 -11.71
N GLY B 154 -12.98 3.16 -11.40
CA GLY B 154 -12.18 2.46 -10.39
C GLY B 154 -10.96 1.81 -10.99
N VAL B 155 -10.85 0.49 -10.84
CA VAL B 155 -9.75 -0.27 -11.40
C VAL B 155 -10.12 -0.75 -12.80
N ASN B 156 -9.14 -0.68 -13.70
CA ASN B 156 -9.29 -0.99 -15.13
C ASN B 156 -10.35 -0.12 -15.81
N CYS B 157 -10.66 1.04 -15.23
CA CYS B 157 -11.59 2.01 -15.80
C CYS B 157 -11.07 3.38 -15.40
N TYR B 158 -10.67 4.19 -16.38
CA TYR B 158 -9.93 5.41 -16.14
C TYR B 158 -10.62 6.61 -16.77
N PHE B 159 -10.44 7.77 -16.14
CA PHE B 159 -10.97 9.01 -16.69
C PHE B 159 -10.16 9.43 -17.92
N PRO B 160 -10.82 9.96 -18.96
CA PRO B 160 -10.08 10.33 -20.17
C PRO B 160 -9.16 11.52 -20.00
N LEU B 161 -9.67 12.60 -19.43
CA LEU B 161 -8.89 13.83 -19.32
C LEU B 161 -7.76 13.68 -18.32
N GLN B 162 -6.67 14.37 -18.61
CA GLN B 162 -5.48 14.35 -17.75
C GLN B 162 -4.80 15.69 -17.96
N SER B 163 -4.27 16.27 -16.89
CA SER B 163 -3.68 17.60 -16.94
C SER B 163 -2.20 17.53 -16.58
N TYR B 164 -1.36 18.17 -17.38
CA TYR B 164 0.07 18.25 -17.10
C TYR B 164 0.35 19.67 -16.63
N GLY B 165 0.56 19.82 -15.31
CA GLY B 165 0.83 21.12 -14.76
C GLY B 165 2.19 21.64 -15.16
N PHE B 166 2.28 22.96 -15.30
CA PHE B 166 3.48 23.60 -15.81
C PHE B 166 4.22 24.28 -14.66
N ARG B 167 5.49 23.95 -14.50
CA ARG B 167 6.33 24.51 -13.47
C ARG B 167 7.57 25.15 -14.09
N PRO B 168 8.05 26.26 -13.53
CA PRO B 168 9.33 26.82 -14.00
C PRO B 168 10.51 25.92 -13.67
N THR B 169 10.37 24.98 -12.73
CA THR B 169 11.43 24.03 -12.43
C THR B 169 11.63 23.06 -13.60
N TYR B 170 10.58 22.78 -14.36
CA TYR B 170 10.64 21.82 -15.46
C TYR B 170 11.55 22.31 -16.58
N GLY B 171 12.05 21.36 -17.36
CA GLY B 171 12.98 21.65 -18.42
C GLY B 171 12.31 22.25 -19.65
N VAL B 172 13.12 22.41 -20.70
CA VAL B 172 12.65 23.05 -21.92
C VAL B 172 11.61 22.19 -22.63
N GLY B 173 11.70 20.87 -22.50
CA GLY B 173 10.80 19.99 -23.20
C GLY B 173 9.47 19.75 -22.51
N HIS B 174 9.16 20.55 -21.49
CA HIS B 174 7.89 20.43 -20.78
C HIS B 174 7.19 21.77 -20.57
N GLN B 175 7.72 22.86 -21.12
CA GLN B 175 7.07 24.15 -21.00
C GLN B 175 5.82 24.20 -21.87
N PRO B 176 4.82 25.02 -21.51
CA PRO B 176 3.64 25.17 -22.36
C PRO B 176 3.91 26.05 -23.57
N TYR B 177 3.99 25.44 -24.74
CA TYR B 177 4.17 26.17 -25.99
C TYR B 177 2.80 26.47 -26.58
N ARG B 178 2.41 27.75 -26.54
CA ARG B 178 1.21 28.18 -27.23
C ARG B 178 1.42 28.04 -28.73
N VAL B 179 0.46 27.42 -29.40
CA VAL B 179 0.60 27.09 -30.80
C VAL B 179 -0.66 27.53 -31.52
N VAL B 180 -0.52 27.82 -32.81
CA VAL B 180 -1.66 28.10 -33.68
C VAL B 180 -1.40 27.44 -35.03
N VAL B 181 -2.40 26.77 -35.57
CA VAL B 181 -2.26 26.16 -36.88
C VAL B 181 -3.12 26.89 -37.92
N LEU B 182 -2.49 27.84 -38.60
CA LEU B 182 -3.17 28.71 -39.56
C LEU B 182 -3.40 27.90 -40.84
N SER B 183 -4.45 27.09 -40.81
CA SER B 183 -4.76 26.21 -41.94
C SER B 183 -5.43 27.03 -43.04
N PHE B 184 -4.75 27.17 -44.17
CA PHE B 184 -5.31 27.88 -45.32
C PHE B 184 -6.35 27.01 -46.02
N PRO C 2 -27.14 15.06 -2.82
CA PRO C 2 -25.88 14.56 -3.39
C PRO C 2 -24.67 14.95 -2.56
N VAL C 3 -24.72 14.68 -1.26
CA VAL C 3 -23.66 15.02 -0.33
C VAL C 3 -23.05 13.71 0.18
N LEU C 4 -21.77 13.76 0.51
CA LEU C 4 -21.10 12.59 1.09
C LEU C 4 -21.67 12.26 2.45
N THR C 5 -21.76 10.95 2.72
CA THR C 5 -22.22 10.46 4.01
C THR C 5 -21.20 9.46 4.55
N GLN C 6 -21.14 9.38 5.88
CA GLN C 6 -20.14 8.58 6.57
C GLN C 6 -20.59 8.41 8.02
N PRO C 7 -20.19 7.33 8.69
CA PRO C 7 -20.62 7.13 10.09
C PRO C 7 -20.07 8.20 11.00
N PRO C 8 -20.86 8.63 12.00
CA PRO C 8 -20.39 9.68 12.91
C PRO C 8 -19.22 9.25 13.77
N SER C 9 -19.13 7.98 14.16
CA SER C 9 -18.07 7.53 15.04
C SER C 9 -17.81 6.05 14.83
N ALA C 10 -16.54 5.67 14.86
CA ALA C 10 -16.12 4.28 14.84
C ALA C 10 -15.11 4.06 15.97
N SER C 11 -15.36 3.05 16.79
CA SER C 11 -14.55 2.79 17.98
C SER C 11 -13.59 1.64 17.71
N GLY C 12 -12.33 1.84 18.10
CA GLY C 12 -11.32 0.81 17.95
C GLY C 12 -10.39 0.75 19.15
N PRO C 13 -9.98 -0.45 19.54
CA PRO C 13 -9.03 -0.59 20.63
C PRO C 13 -7.64 -0.17 20.21
N PRO C 14 -6.84 0.37 21.14
CA PRO C 14 -5.48 0.81 20.78
C PRO C 14 -4.57 -0.38 20.49
N GLY C 15 -3.61 -0.16 19.60
CA GLY C 15 -2.63 -1.17 19.25
C GLY C 15 -2.78 -1.76 17.86
N GLN C 16 -3.96 -1.67 17.25
CA GLN C 16 -4.16 -2.18 15.90
C GLN C 16 -5.08 -1.21 15.16
N SER C 17 -5.58 -1.64 14.00
CA SER C 17 -6.16 -0.75 13.02
C SER C 17 -7.69 -0.77 13.06
N VAL C 18 -8.29 0.38 12.76
CA VAL C 18 -9.72 0.53 12.57
C VAL C 18 -9.92 1.35 11.30
N SER C 19 -11.08 1.18 10.65
CA SER C 19 -11.34 1.75 9.35
C SER C 19 -12.49 2.76 9.42
N ILE C 20 -12.34 3.84 8.65
CA ILE C 20 -13.38 4.86 8.50
C ILE C 20 -13.90 4.79 7.08
N SER C 21 -15.20 4.56 6.94
CA SER C 21 -15.82 4.37 5.63
C SER C 21 -16.48 5.66 5.16
N CYS C 22 -16.54 5.83 3.84
CA CYS C 22 -17.14 7.01 3.23
C CYS C 22 -17.74 6.61 1.89
N SER C 23 -19.04 6.77 1.73
CA SER C 23 -19.75 6.35 0.54
C SER C 23 -20.33 7.56 -0.19
N GLY C 24 -20.20 7.56 -1.52
CA GLY C 24 -20.68 8.66 -2.32
C GLY C 24 -21.51 8.23 -3.52
N SER C 25 -21.97 9.21 -4.30
CA SER C 25 -22.82 8.96 -5.46
C SER C 25 -21.95 8.74 -6.70
N ARG C 26 -22.59 8.74 -7.87
CA ARG C 26 -21.89 8.61 -9.14
C ARG C 26 -20.96 9.79 -9.40
N SER C 27 -21.42 11.01 -9.13
CA SER C 27 -20.68 12.21 -9.48
C SER C 27 -19.77 12.69 -8.37
N ASN C 28 -19.75 12.03 -7.21
CA ASN C 28 -18.90 12.41 -6.09
C ASN C 28 -17.71 11.48 -5.93
N ILE C 29 -17.94 10.17 -5.94
CA ILE C 29 -16.90 9.17 -5.71
C ILE C 29 -16.88 8.25 -6.91
N GLY C 30 -15.69 7.85 -7.35
CA GLY C 30 -15.56 6.97 -8.49
C GLY C 30 -15.53 7.67 -9.82
N THR C 31 -15.62 9.00 -9.84
CA THR C 31 -15.41 9.77 -11.06
C THR C 31 -14.35 10.82 -10.75
N ASN C 32 -14.30 11.24 -9.49
CA ASN C 32 -13.38 12.25 -9.02
C ASN C 32 -12.59 11.72 -7.84
N PHE C 33 -11.40 12.28 -7.64
CA PHE C 33 -10.58 11.90 -6.49
C PHE C 33 -11.23 12.34 -5.19
N VAL C 34 -10.99 11.57 -4.14
CA VAL C 34 -11.44 11.90 -2.79
C VAL C 34 -10.23 12.18 -1.92
N TYR C 35 -10.34 13.21 -1.09
CA TYR C 35 -9.27 13.62 -0.19
C TYR C 35 -9.74 13.53 1.25
N TRP C 36 -8.80 13.27 2.15
CA TRP C 36 -9.08 13.08 3.56
C TRP C 36 -8.41 14.18 4.37
N TYR C 37 -9.17 14.85 5.22
CA TYR C 37 -8.67 15.92 6.05
C TYR C 37 -8.77 15.55 7.52
N GLN C 38 -7.69 15.77 8.25
CA GLN C 38 -7.64 15.53 9.69
C GLN C 38 -7.68 16.87 10.39
N GLN C 39 -8.64 17.03 11.30
CA GLN C 39 -8.84 18.29 12.00
C GLN C 39 -8.45 18.14 13.47
N LEU C 40 -7.38 18.81 13.86
CA LEU C 40 -7.04 18.93 15.27
C LEU C 40 -8.11 19.75 15.98
N PRO C 41 -8.42 19.45 17.24
CA PRO C 41 -9.48 20.18 17.94
C PRO C 41 -9.07 21.62 18.23
N GLY C 42 -9.95 22.54 17.86
CA GLY C 42 -9.66 23.96 18.00
C GLY C 42 -8.56 24.46 17.10
N ALA C 43 -8.51 23.98 15.86
CA ALA C 43 -7.45 24.35 14.93
C ALA C 43 -7.95 24.13 13.51
N ALA C 44 -7.13 24.57 12.56
CA ALA C 44 -7.45 24.46 11.15
C ALA C 44 -7.10 23.06 10.64
N PRO C 45 -8.03 22.37 9.96
CA PRO C 45 -7.71 21.05 9.43
C PRO C 45 -6.64 21.10 8.34
N LYS C 46 -5.89 20.02 8.23
CA LYS C 46 -4.78 19.91 7.29
C LYS C 46 -4.97 18.68 6.40
N LEU C 47 -4.07 18.53 5.44
CA LEU C 47 -4.06 17.36 4.58
C LEU C 47 -3.73 16.09 5.36
N LEU C 48 -4.42 15.01 5.04
CA LEU C 48 -4.06 13.69 5.53
C LEU C 48 -3.77 12.72 4.40
N ILE C 49 -4.70 12.55 3.46
CA ILE C 49 -4.56 11.64 2.33
C ILE C 49 -5.05 12.36 1.09
N TYR C 50 -4.21 12.42 0.05
CA TYR C 50 -4.59 13.05 -1.21
C TYR C 50 -4.33 12.11 -2.37
N LYS C 51 -5.25 12.11 -3.33
CA LYS C 51 -5.22 11.32 -4.57
C LYS C 51 -5.26 9.81 -4.33
N ASN C 52 -5.55 9.37 -3.11
CA ASN C 52 -5.90 8.02 -2.68
C ASN C 52 -4.73 7.02 -2.61
N ASP C 53 -3.51 7.40 -3.00
CA ASP C 53 -2.38 6.54 -2.71
C ASP C 53 -1.11 7.31 -2.38
N GLN C 54 -1.16 8.63 -2.31
CA GLN C 54 -0.03 9.43 -1.86
C GLN C 54 -0.26 9.90 -0.43
N ARG C 55 0.80 10.42 0.18
CA ARG C 55 0.75 11.09 1.46
C ARG C 55 1.65 12.32 1.40
N PRO C 56 1.26 13.40 2.06
CA PRO C 56 2.17 14.56 2.17
C PRO C 56 3.33 14.24 3.11
N SER C 57 4.39 15.05 2.97
CA SER C 57 5.58 14.85 3.76
C SER C 57 5.32 15.15 5.24
N GLY C 58 5.94 14.37 6.12
CA GLY C 58 5.75 14.49 7.54
C GLY C 58 4.70 13.56 8.12
N VAL C 59 3.82 13.01 7.29
CA VAL C 59 2.80 12.07 7.74
C VAL C 59 3.43 10.69 7.86
N PRO C 60 3.27 10.02 9.01
CA PRO C 60 3.84 8.67 9.15
C PRO C 60 3.16 7.67 8.25
N GLU C 61 3.92 6.64 7.86
CA GLU C 61 3.47 5.65 6.89
C GLU C 61 2.59 4.57 7.56
N ARG C 62 1.48 5.03 8.10
CA ARG C 62 0.49 4.12 8.69
C ARG C 62 -0.94 4.50 8.35
N PHE C 63 -1.15 5.53 7.52
CA PHE C 63 -2.48 5.99 7.14
C PHE C 63 -2.74 5.54 5.71
N PHE C 64 -3.57 4.51 5.56
CA PHE C 64 -3.85 3.90 4.25
C PHE C 64 -5.33 4.08 3.93
N GLY C 65 -5.62 4.92 2.94
CA GLY C 65 -6.97 5.10 2.44
C GLY C 65 -7.03 4.71 0.97
N SER C 66 -8.18 4.17 0.56
CA SER C 66 -8.34 3.73 -0.82
C SER C 66 -9.82 3.69 -1.16
N LYS C 67 -10.11 3.70 -2.46
CA LYS C 67 -11.46 3.53 -2.97
C LYS C 67 -11.46 2.46 -4.06
N SER C 68 -12.57 1.74 -4.14
CA SER C 68 -12.72 0.69 -5.14
C SER C 68 -13.88 0.95 -6.10
N GLY C 69 -15.08 1.18 -5.58
CA GLY C 69 -16.22 1.46 -6.43
C GLY C 69 -16.74 2.87 -6.24
N THR C 70 -17.93 3.00 -5.65
CA THR C 70 -18.52 4.28 -5.34
C THR C 70 -18.35 4.66 -3.88
N SER C 71 -17.47 3.96 -3.15
CA SER C 71 -17.20 4.26 -1.75
C SER C 71 -15.70 4.24 -1.51
N ALA C 72 -15.29 4.94 -0.44
CA ALA C 72 -13.89 5.01 -0.05
C ALA C 72 -13.75 4.69 1.43
N SER C 73 -12.60 4.12 1.79
CA SER C 73 -12.33 3.73 3.17
C SER C 73 -10.91 4.10 3.54
N LEU C 74 -10.74 4.68 4.72
CA LEU C 74 -9.43 5.02 5.25
C LEU C 74 -9.17 4.19 6.50
N ALA C 75 -8.03 3.50 6.54
CA ALA C 75 -7.66 2.65 7.66
C ALA C 75 -6.55 3.32 8.45
N ILE C 76 -6.80 3.53 9.75
CA ILE C 76 -5.84 4.15 10.65
C ILE C 76 -5.36 3.08 11.63
N SER C 77 -4.05 2.94 11.77
CA SER C 77 -3.46 1.89 12.60
C SER C 77 -2.76 2.52 13.80
N GLY C 78 -3.21 2.14 15.00
CA GLY C 78 -2.63 2.65 16.22
C GLY C 78 -3.30 3.94 16.67
N LEU C 79 -3.90 3.93 17.85
CA LEU C 79 -4.65 5.08 18.38
C LEU C 79 -4.12 5.35 19.78
N ARG C 80 -3.16 6.26 19.91
CA ARG C 80 -2.52 6.51 21.20
C ARG C 80 -2.83 7.89 21.73
N SER C 81 -2.42 8.95 21.03
CA SER C 81 -2.75 10.30 21.45
C SER C 81 -3.00 11.26 20.29
N GLU C 82 -2.94 10.80 19.04
CA GLU C 82 -3.00 11.69 17.89
C GLU C 82 -4.23 11.46 17.01
N ASP C 83 -4.79 10.25 17.03
CA ASP C 83 -5.92 9.91 16.18
C ASP C 83 -7.27 10.08 16.88
N GLU C 84 -7.29 10.76 18.03
CA GLU C 84 -8.54 11.12 18.69
C GLU C 84 -9.04 12.47 18.19
N VAL C 85 -9.14 12.60 16.87
CA VAL C 85 -9.47 13.84 16.19
C VAL C 85 -10.56 13.55 15.16
N ASP C 86 -10.89 14.57 14.38
CA ASP C 86 -11.95 14.48 13.37
C ASP C 86 -11.35 14.17 12.00
N TYR C 87 -12.02 13.29 11.27
CA TYR C 87 -11.61 12.90 9.92
C TYR C 87 -12.73 13.28 8.95
N TYR C 88 -12.38 14.04 7.92
CA TYR C 88 -13.35 14.53 6.95
C TYR C 88 -13.09 13.90 5.58
N CYS C 89 -14.17 13.61 4.87
CA CYS C 89 -14.12 12.95 3.57
C CYS C 89 -14.49 13.99 2.51
N ALA C 90 -13.49 14.46 1.77
CA ALA C 90 -13.66 15.57 0.84
C ALA C 90 -13.45 15.12 -0.60
N ALA C 91 -14.37 15.50 -1.47
CA ALA C 91 -14.30 15.15 -2.88
C ALA C 91 -15.07 16.20 -3.68
N TRP C 92 -14.84 16.20 -4.99
CA TRP C 92 -15.40 17.20 -5.88
C TRP C 92 -16.70 16.68 -6.47
N ASP C 93 -17.76 17.50 -6.38
CA ASP C 93 -19.06 17.14 -6.92
C ASP C 93 -19.27 17.85 -8.25
N ASP C 94 -19.48 17.08 -9.31
CA ASP C 94 -19.66 17.67 -10.63
C ASP C 94 -21.04 18.25 -10.84
N SER C 95 -22.07 17.64 -10.25
CA SER C 95 -23.45 18.05 -10.53
C SER C 95 -23.76 19.41 -9.90
N LEU C 96 -23.38 19.61 -8.64
CA LEU C 96 -23.59 20.88 -7.98
C LEU C 96 -22.48 21.89 -8.22
N SER C 97 -21.42 21.49 -8.93
CA SER C 97 -20.29 22.35 -9.29
C SER C 97 -19.64 23.00 -8.07
N GLY C 98 -19.42 22.18 -7.04
CA GLY C 98 -18.79 22.67 -5.83
C GLY C 98 -18.23 21.55 -4.97
N HIS C 99 -17.20 21.86 -4.18
CA HIS C 99 -16.67 20.89 -3.24
C HIS C 99 -17.69 20.60 -2.15
N VAL C 100 -17.83 19.32 -1.82
CA VAL C 100 -18.73 18.89 -0.75
C VAL C 100 -17.95 18.03 0.22
N PHE C 101 -18.39 18.00 1.47
CA PHE C 101 -17.62 17.41 2.55
C PHE C 101 -18.48 16.41 3.31
N GLY C 102 -17.81 15.57 4.10
CA GLY C 102 -18.50 14.61 4.93
C GLY C 102 -19.11 15.24 6.16
N ALA C 103 -19.85 14.42 6.91
CA ALA C 103 -20.52 14.91 8.11
C ALA C 103 -19.53 15.19 9.23
N GLY C 104 -18.45 14.43 9.32
CA GLY C 104 -17.49 14.60 10.38
C GLY C 104 -17.43 13.37 11.28
N THR C 105 -16.34 12.61 11.19
CA THR C 105 -16.20 11.36 11.91
C THR C 105 -15.25 11.55 13.09
N LYS C 106 -15.69 11.12 14.27
CA LYS C 106 -14.88 11.18 15.48
C LYS C 106 -14.36 9.79 15.81
N VAL C 107 -13.06 9.69 16.10
CA VAL C 107 -12.42 8.42 16.42
C VAL C 107 -12.00 8.46 17.87
N THR C 108 -12.46 7.47 18.64
CA THR C 108 -12.12 7.35 20.06
C THR C 108 -11.56 5.97 20.34
N VAL C 109 -10.68 5.89 21.33
CA VAL C 109 -10.11 4.62 21.74
C VAL C 109 -11.14 3.80 22.52
N LEU C 110 -10.91 2.50 22.59
CA LEU C 110 -11.81 1.60 23.29
C LEU C 110 -11.20 1.15 24.61
N PRO D 2 23.89 -28.56 16.56
CA PRO D 2 24.46 -29.23 17.74
C PRO D 2 23.40 -29.61 18.76
N VAL D 3 23.83 -29.85 19.99
CA VAL D 3 22.95 -30.22 21.10
C VAL D 3 23.12 -29.19 22.20
N LEU D 4 22.00 -28.66 22.70
CA LEU D 4 22.04 -27.70 23.79
C LEU D 4 22.57 -28.35 25.07
N THR D 5 23.36 -27.59 25.82
CA THR D 5 23.89 -28.04 27.10
C THR D 5 23.52 -27.04 28.19
N GLN D 6 23.29 -27.56 29.39
CA GLN D 6 22.87 -26.77 30.53
C GLN D 6 23.11 -27.60 31.78
N PRO D 7 23.45 -26.98 32.91
CA PRO D 7 23.75 -27.74 34.13
C PRO D 7 22.53 -28.48 34.65
N PRO D 8 22.71 -29.73 35.11
CA PRO D 8 21.55 -30.50 35.59
C PRO D 8 21.06 -30.11 36.97
N SER D 9 21.87 -29.40 37.75
CA SER D 9 21.51 -29.04 39.11
C SER D 9 21.73 -27.55 39.33
N ALA D 10 20.85 -26.94 40.13
CA ALA D 10 20.96 -25.55 40.52
C ALA D 10 21.19 -25.46 42.01
N SER D 11 22.26 -24.77 42.41
CA SER D 11 22.66 -24.66 43.81
C SER D 11 22.30 -23.28 44.33
N GLY D 12 21.55 -23.25 45.42
CA GLY D 12 21.18 -21.99 46.05
C GLY D 12 20.13 -22.18 47.13
N PRO D 13 20.32 -21.49 48.27
CA PRO D 13 19.29 -21.50 49.30
C PRO D 13 18.04 -20.77 48.83
N PRO D 14 16.87 -21.16 49.32
CA PRO D 14 15.65 -20.44 48.92
C PRO D 14 15.57 -19.06 49.52
N GLY D 15 14.82 -18.18 48.84
CA GLY D 15 14.58 -16.83 49.30
C GLY D 15 15.35 -15.75 48.58
N GLN D 16 16.17 -16.09 47.59
CA GLN D 16 16.92 -15.09 46.84
C GLN D 16 17.05 -15.55 45.40
N SER D 17 17.84 -14.81 44.62
CA SER D 17 17.92 -15.04 43.18
C SER D 17 18.91 -16.14 42.84
N VAL D 18 18.52 -17.01 41.91
CA VAL D 18 19.37 -18.08 41.39
C VAL D 18 19.40 -17.95 39.87
N SER D 19 20.60 -17.99 39.30
CA SER D 19 20.80 -17.82 37.87
C SER D 19 21.23 -19.14 37.24
N ILE D 20 20.64 -19.45 36.08
CA ILE D 20 20.96 -20.67 35.33
C ILE D 20 21.22 -20.27 33.88
N SER D 21 22.07 -21.04 33.20
CA SER D 21 22.50 -20.72 31.86
C SER D 21 22.16 -21.85 30.90
N CYS D 22 22.03 -21.49 29.62
CA CYS D 22 21.77 -22.43 28.54
C CYS D 22 22.72 -22.12 27.40
N SER D 23 23.70 -22.99 27.18
CA SER D 23 24.77 -22.76 26.23
C SER D 23 24.58 -23.61 24.99
N GLY D 24 24.96 -23.05 23.84
CA GLY D 24 24.81 -23.73 22.56
C GLY D 24 25.97 -23.43 21.64
N SER D 25 25.66 -23.15 20.37
CA SER D 25 26.67 -22.85 19.38
C SER D 25 26.18 -21.69 18.50
N ARG D 26 27.01 -21.31 17.53
CA ARG D 26 26.66 -20.17 16.68
C ARG D 26 25.60 -20.52 15.65
N SER D 27 25.56 -21.77 15.17
CA SER D 27 24.51 -22.19 14.25
C SER D 27 23.21 -22.50 14.96
N ASN D 28 23.22 -22.57 16.29
CA ASN D 28 22.05 -22.85 17.10
C ASN D 28 21.51 -21.58 17.76
N ILE D 29 22.35 -20.86 18.48
CA ILE D 29 21.98 -19.63 19.16
C ILE D 29 22.76 -18.50 18.49
N GLY D 30 22.25 -17.27 18.64
CA GLY D 30 22.87 -16.13 18.02
C GLY D 30 22.35 -15.80 16.63
N THR D 31 21.51 -16.66 16.07
CA THR D 31 20.85 -16.35 14.80
C THR D 31 19.34 -16.52 15.00
N ASN D 32 18.97 -17.50 15.83
CA ASN D 32 17.58 -17.79 16.13
C ASN D 32 17.31 -17.54 17.61
N PHE D 33 16.03 -17.39 17.93
CA PHE D 33 15.62 -17.05 19.29
C PHE D 33 15.65 -18.29 20.19
N VAL D 34 15.50 -18.08 21.50
CA VAL D 34 15.44 -19.19 22.45
C VAL D 34 14.15 -19.06 23.26
N TYR D 35 13.70 -20.19 23.80
CA TYR D 35 12.51 -20.26 24.62
C TYR D 35 12.79 -21.13 25.83
N TRP D 36 11.96 -20.96 26.86
CA TRP D 36 12.13 -21.68 28.13
C TRP D 36 10.85 -22.39 28.51
N TYR D 37 11.00 -23.60 29.04
CA TYR D 37 9.88 -24.44 29.46
C TYR D 37 10.18 -25.03 30.82
N GLN D 38 9.12 -25.35 31.57
CA GLN D 38 9.27 -26.12 32.80
C GLN D 38 8.32 -27.31 32.77
N GLN D 39 8.79 -28.44 33.27
CA GLN D 39 8.02 -29.68 33.26
C GLN D 39 7.63 -30.05 34.67
N LEU D 40 6.35 -29.97 34.97
CA LEU D 40 5.74 -30.37 36.23
C LEU D 40 5.75 -31.89 36.37
N PRO D 41 5.71 -32.42 37.60
CA PRO D 41 5.68 -33.89 37.76
C PRO D 41 4.43 -34.53 37.18
N GLY D 42 4.61 -35.31 36.13
CA GLY D 42 3.48 -35.95 35.47
C GLY D 42 2.55 -34.98 34.76
N ALA D 43 3.12 -33.98 34.09
CA ALA D 43 2.33 -32.98 33.39
C ALA D 43 3.11 -32.42 32.21
N ALA D 44 2.39 -31.76 31.32
CA ALA D 44 2.97 -31.22 30.10
C ALA D 44 3.81 -29.98 30.40
N PRO D 45 4.80 -29.69 29.56
CA PRO D 45 5.57 -28.45 29.73
C PRO D 45 4.73 -27.22 29.45
N LYS D 46 5.09 -26.10 30.11
CA LYS D 46 4.37 -24.86 30.00
C LYS D 46 5.35 -23.74 29.70
N LEU D 47 4.88 -22.72 28.99
CA LEU D 47 5.73 -21.66 28.47
C LEU D 47 6.26 -20.77 29.59
N LEU D 48 7.51 -20.31 29.44
CA LEU D 48 8.08 -19.31 30.34
C LEU D 48 8.41 -18.02 29.61
N ILE D 49 9.29 -18.07 28.60
CA ILE D 49 9.79 -16.88 27.91
C ILE D 49 9.72 -17.13 26.42
N TYR D 50 9.16 -16.19 25.67
CA TYR D 50 9.19 -16.21 24.22
C TYR D 50 9.73 -14.89 23.70
N LYS D 51 10.39 -14.93 22.55
CA LYS D 51 11.14 -13.86 21.90
C LYS D 51 12.30 -13.37 22.77
N ASN D 52 12.81 -14.20 23.68
CA ASN D 52 14.01 -14.02 24.50
C ASN D 52 13.86 -12.98 25.61
N ASP D 53 12.78 -12.21 25.62
CA ASP D 53 12.59 -11.21 26.65
C ASP D 53 11.15 -10.93 27.07
N GLN D 54 10.17 -11.65 26.54
CA GLN D 54 8.78 -11.38 26.87
C GLN D 54 8.21 -12.49 27.76
N ARG D 55 7.07 -12.18 28.38
CA ARG D 55 6.36 -13.12 29.23
C ARG D 55 4.93 -13.23 28.74
N PRO D 56 4.40 -14.45 28.57
CA PRO D 56 3.01 -14.59 28.14
C PRO D 56 2.05 -14.19 29.24
N SER D 57 0.78 -14.01 28.86
CA SER D 57 -0.24 -13.65 29.82
C SER D 57 -0.61 -14.85 30.66
N GLY D 58 -0.46 -14.71 31.98
CA GLY D 58 -0.78 -15.79 32.90
C GLY D 58 0.39 -16.23 33.75
N VAL D 59 1.58 -16.23 33.19
CA VAL D 59 2.79 -16.65 33.91
C VAL D 59 3.14 -15.56 34.93
N PRO D 60 3.85 -15.88 36.00
CA PRO D 60 4.30 -14.83 36.93
C PRO D 60 5.30 -13.89 36.27
N GLU D 61 5.27 -12.63 36.73
CA GLU D 61 6.15 -11.60 36.21
C GLU D 61 7.47 -11.53 36.95
N ARG D 62 7.73 -12.49 37.84
CA ARG D 62 8.94 -12.53 38.65
C ARG D 62 10.08 -13.30 37.98
N PHE D 63 9.89 -13.74 36.74
CA PHE D 63 10.89 -14.51 36.02
C PHE D 63 11.49 -13.65 34.92
N PHE D 64 12.82 -13.50 34.93
CA PHE D 64 13.51 -12.66 33.97
C PHE D 64 14.62 -13.45 33.29
N GLY D 65 14.66 -13.41 31.96
CA GLY D 65 15.70 -14.09 31.22
C GLY D 65 16.05 -13.38 29.93
N SER D 66 17.32 -13.47 29.53
CA SER D 66 17.78 -12.83 28.30
C SER D 66 19.04 -13.55 27.83
N LYS D 67 19.38 -13.34 26.57
CA LYS D 67 20.59 -13.90 25.98
C LYS D 67 21.63 -12.80 25.80
N SER D 68 22.88 -13.13 26.12
CA SER D 68 23.99 -12.20 25.99
C SER D 68 25.00 -12.61 24.94
N GLY D 69 24.74 -13.70 24.22
CA GLY D 69 25.68 -14.18 23.21
C GLY D 69 25.35 -15.58 22.75
N THR D 70 26.36 -16.46 22.74
CA THR D 70 26.12 -17.86 22.42
C THR D 70 25.25 -18.53 23.49
N SER D 71 25.48 -18.21 24.75
CA SER D 71 24.68 -18.74 25.85
C SER D 71 23.57 -17.77 26.22
N ALA D 72 22.54 -18.31 26.86
CA ALA D 72 21.42 -17.52 27.36
C ALA D 72 21.22 -17.81 28.84
N SER D 73 20.97 -16.76 29.61
CA SER D 73 20.90 -16.85 31.07
C SER D 73 19.48 -16.58 31.54
N LEU D 74 19.00 -17.41 32.46
CA LEU D 74 17.68 -17.25 33.07
C LEU D 74 17.85 -16.96 34.54
N ALA D 75 17.19 -15.91 35.01
CA ALA D 75 17.25 -15.49 36.42
C ALA D 75 15.88 -15.67 37.05
N ILE D 76 15.83 -16.41 38.15
CA ILE D 76 14.61 -16.64 38.90
C ILE D 76 14.75 -15.95 40.25
N SER D 77 13.62 -15.59 40.86
CA SER D 77 13.60 -14.88 42.13
C SER D 77 12.84 -15.72 43.14
N GLY D 78 13.56 -16.28 44.11
CA GLY D 78 12.95 -17.06 45.17
C GLY D 78 12.65 -18.49 44.77
N LEU D 79 12.77 -19.42 45.72
CA LEU D 79 12.51 -20.84 45.48
C LEU D 79 11.36 -21.30 46.35
N ARG D 80 10.20 -21.52 45.74
CA ARG D 80 9.06 -22.17 46.37
C ARG D 80 8.93 -23.58 45.85
N SER D 81 7.92 -24.30 46.36
CA SER D 81 7.68 -25.67 45.92
C SER D 81 7.19 -25.73 44.49
N GLU D 82 6.45 -24.70 44.04
CA GLU D 82 6.01 -24.65 42.65
C GLU D 82 7.16 -24.32 41.70
N ASP D 83 8.27 -23.79 42.22
CA ASP D 83 9.45 -23.51 41.43
C ASP D 83 10.44 -24.67 41.40
N GLU D 84 10.14 -25.76 42.09
CA GLU D 84 11.07 -26.88 42.23
C GLU D 84 11.08 -27.81 41.03
N VAL D 85 10.22 -27.58 40.04
CA VAL D 85 10.18 -28.43 38.87
C VAL D 85 11.41 -28.16 37.99
N ASP D 86 11.70 -29.11 37.10
CA ASP D 86 12.79 -28.94 36.16
C ASP D 86 12.46 -27.85 35.15
N TYR D 87 13.50 -27.12 34.73
CA TYR D 87 13.38 -26.06 33.74
C TYR D 87 14.12 -26.49 32.48
N TYR D 88 13.49 -26.28 31.32
CA TYR D 88 14.03 -26.72 30.05
C TYR D 88 14.33 -25.52 29.16
N CYS D 89 15.31 -25.67 28.27
CA CYS D 89 15.73 -24.65 27.33
C CYS D 89 15.62 -25.19 25.92
N ALA D 90 15.04 -24.41 25.01
CA ALA D 90 14.82 -24.87 23.65
C ALA D 90 15.03 -23.72 22.66
N ALA D 91 15.41 -24.10 21.44
CA ALA D 91 15.65 -23.14 20.37
C ALA D 91 15.56 -23.88 19.04
N TRP D 92 15.87 -23.19 17.95
CA TRP D 92 15.82 -23.75 16.60
C TRP D 92 17.16 -23.53 15.92
N ASP D 93 17.63 -24.55 15.19
CA ASP D 93 18.87 -24.45 14.43
C ASP D 93 18.66 -24.98 13.02
N ASP D 94 19.25 -24.29 12.05
CA ASP D 94 19.08 -24.64 10.64
C ASP D 94 19.91 -25.86 10.27
N SER D 95 21.06 -26.05 10.92
CA SER D 95 22.03 -27.06 10.51
C SER D 95 21.52 -28.49 10.68
N LEU D 96 20.52 -28.70 11.55
CA LEU D 96 19.89 -30.01 11.69
C LEU D 96 18.42 -30.03 11.31
N SER D 97 17.83 -28.86 11.03
CA SER D 97 16.42 -28.73 10.61
C SER D 97 15.46 -29.31 11.64
N GLY D 98 15.78 -29.11 12.91
CA GLY D 98 14.95 -29.63 13.98
C GLY D 98 14.97 -28.70 15.18
N HIS D 99 14.02 -28.94 16.08
CA HIS D 99 13.95 -28.17 17.33
C HIS D 99 14.84 -28.84 18.36
N VAL D 100 15.96 -28.23 18.68
CA VAL D 100 16.87 -28.76 19.67
C VAL D 100 16.38 -28.35 21.06
N PHE D 101 16.53 -29.25 22.03
CA PHE D 101 16.06 -29.02 23.38
C PHE D 101 17.20 -29.27 24.37
N GLY D 102 17.10 -28.61 25.52
CA GLY D 102 18.07 -28.80 26.58
C GLY D 102 17.88 -30.12 27.30
N ALA D 103 18.86 -30.45 28.13
CA ALA D 103 18.83 -31.70 28.88
C ALA D 103 18.04 -31.62 30.17
N GLY D 104 17.99 -30.45 30.81
CA GLY D 104 17.22 -30.29 32.03
C GLY D 104 18.02 -29.76 33.20
N THR D 105 17.36 -29.03 34.09
CA THR D 105 17.98 -28.49 35.30
C THR D 105 17.05 -28.76 36.48
N LYS D 106 17.41 -29.74 37.30
CA LYS D 106 16.65 -30.04 38.51
C LYS D 106 17.12 -29.12 39.64
N VAL D 107 16.19 -28.34 40.18
CA VAL D 107 16.48 -27.40 41.26
C VAL D 107 15.92 -27.97 42.57
N THR D 108 16.71 -27.86 43.64
CA THR D 108 16.34 -28.36 44.94
C THR D 108 16.60 -27.30 46.00
N VAL D 109 15.65 -27.11 46.91
CA VAL D 109 15.83 -26.13 47.97
C VAL D 109 16.82 -26.65 49.00
N LEU D 110 17.38 -25.72 49.77
CA LEU D 110 18.37 -26.07 50.80
C LEU D 110 17.84 -25.73 52.18
N VAL E 2 4.62 28.78 4.40
CA VAL E 2 3.65 29.79 3.98
C VAL E 2 2.64 30.02 5.10
N GLN E 3 2.20 31.27 5.25
CA GLN E 3 1.30 31.68 6.31
C GLN E 3 0.14 32.48 5.74
N LEU E 4 -1.05 32.26 6.29
CA LEU E 4 -2.21 33.07 6.00
C LEU E 4 -2.81 33.54 7.32
N VAL E 5 -3.04 34.85 7.44
CA VAL E 5 -3.52 35.45 8.67
C VAL E 5 -4.89 36.06 8.41
N GLN E 6 -5.90 35.57 9.12
CA GLN E 6 -7.26 36.06 9.00
C GLN E 6 -7.47 37.29 9.88
N SER E 7 -8.63 37.92 9.71
CA SER E 7 -8.99 39.06 10.53
C SER E 7 -9.49 38.59 11.89
N GLY E 8 -9.69 39.56 12.79
CA GLY E 8 -10.15 39.25 14.12
C GLY E 8 -11.63 38.91 14.18
N ALA E 9 -12.02 38.34 15.31
CA ALA E 9 -13.43 38.00 15.53
C ALA E 9 -14.22 39.27 15.84
N GLU E 10 -15.44 39.35 15.31
CA GLU E 10 -16.29 40.50 15.53
C GLU E 10 -17.75 40.08 15.39
N VAL E 11 -18.59 40.49 16.33
CA VAL E 11 -20.00 40.17 16.30
C VAL E 11 -20.74 41.22 15.46
N LYS E 12 -21.64 40.75 14.60
CA LYS E 12 -22.49 41.60 13.79
C LYS E 12 -23.96 41.28 14.01
N LYS E 13 -24.77 42.33 14.07
CA LYS E 13 -26.20 42.20 14.26
C LYS E 13 -26.85 41.62 12.99
N PRO E 14 -28.04 41.01 13.12
CA PRO E 14 -28.75 40.56 11.91
C PRO E 14 -29.13 41.72 11.00
N GLY E 15 -29.12 41.45 9.71
CA GLY E 15 -29.40 42.46 8.71
C GLY E 15 -28.23 43.33 8.33
N ALA E 16 -27.03 43.00 8.78
CA ALA E 16 -25.82 43.76 8.47
C ALA E 16 -24.87 42.89 7.66
N SER E 17 -23.70 43.46 7.35
CA SER E 17 -22.69 42.78 6.55
C SER E 17 -21.53 42.33 7.44
N VAL E 18 -20.75 41.39 6.91
CA VAL E 18 -19.61 40.82 7.61
C VAL E 18 -18.35 41.16 6.83
N LYS E 19 -17.39 41.79 7.51
CA LYS E 19 -16.12 42.18 6.90
C LYS E 19 -15.03 41.27 7.45
N VAL E 20 -14.82 40.15 6.77
CA VAL E 20 -13.78 39.19 7.14
C VAL E 20 -12.76 39.14 6.00
N SER E 21 -11.48 39.18 6.37
CA SER E 21 -10.40 39.26 5.39
C SER E 21 -9.25 38.40 5.86
N CYS E 22 -8.48 37.88 4.91
CA CYS E 22 -7.27 37.15 5.25
C CYS E 22 -6.14 37.54 4.31
N LYS E 23 -4.94 37.63 4.89
CA LYS E 23 -3.76 38.16 4.23
C LYS E 23 -2.80 37.04 3.88
N ALA E 24 -2.30 37.05 2.65
CA ALA E 24 -1.31 36.09 2.19
C ALA E 24 0.09 36.71 2.27
N SER E 25 1.06 35.92 2.71
CA SER E 25 2.42 36.42 2.86
C SER E 25 3.39 35.25 2.80
N GLY E 26 4.55 35.48 2.19
CA GLY E 26 5.60 34.49 2.12
C GLY E 26 5.61 33.64 0.86
N TYR E 27 4.73 33.91 -0.10
CA TYR E 27 4.71 33.17 -1.34
C TYR E 27 4.19 34.08 -2.45
N ILE E 28 4.23 33.57 -3.68
CA ILE E 28 3.79 34.34 -4.83
C ILE E 28 2.27 34.39 -4.83
N PHE E 29 1.72 35.60 -4.67
CA PHE E 29 0.28 35.75 -4.47
C PHE E 29 -0.51 35.40 -5.71
N SER E 30 -0.02 35.78 -6.89
CA SER E 30 -0.82 35.69 -8.10
C SER E 30 -0.92 34.27 -8.66
N ASP E 31 -0.20 33.30 -8.11
CA ASP E 31 -0.07 31.99 -8.71
C ASP E 31 -0.76 30.89 -7.91
N TYR E 32 -1.69 31.23 -7.01
CA TYR E 32 -2.36 30.21 -6.22
C TYR E 32 -3.79 30.64 -5.92
N ASN E 33 -4.74 29.75 -6.24
CA ASN E 33 -6.14 30.01 -5.92
C ASN E 33 -6.36 30.04 -4.41
N ILE E 34 -7.28 30.89 -3.98
CA ILE E 34 -7.66 30.99 -2.58
C ILE E 34 -9.13 30.64 -2.49
N HIS E 35 -9.43 29.46 -1.96
CA HIS E 35 -10.81 29.08 -1.73
C HIS E 35 -11.33 29.71 -0.44
N TRP E 36 -12.54 29.34 -0.05
CA TRP E 36 -13.11 29.75 1.22
C TRP E 36 -13.97 28.62 1.76
N VAL E 37 -13.70 28.21 3.00
CA VAL E 37 -14.39 27.09 3.63
C VAL E 37 -14.94 27.56 4.97
N ARG E 38 -16.21 27.29 5.21
CA ARG E 38 -16.88 27.68 6.44
C ARG E 38 -17.21 26.46 7.29
N GLN E 39 -17.42 26.70 8.59
CA GLN E 39 -17.72 25.61 9.52
C GLN E 39 -18.68 26.11 10.59
N ALA E 40 -19.90 25.59 10.58
CA ALA E 40 -20.81 25.78 11.70
C ALA E 40 -20.30 25.01 12.91
N PRO E 41 -20.48 25.55 14.13
CA PRO E 41 -19.94 24.87 15.32
C PRO E 41 -20.69 23.59 15.65
N GLY E 42 -20.06 22.45 15.40
CA GLY E 42 -20.65 21.16 15.65
C GLY E 42 -21.11 20.41 14.41
N GLN E 43 -21.22 21.09 13.27
CA GLN E 43 -21.61 20.45 12.03
C GLN E 43 -20.36 20.18 11.17
N GLY E 44 -20.60 19.74 9.94
CA GLY E 44 -19.53 19.48 9.00
C GLY E 44 -19.08 20.74 8.28
N LEU E 45 -18.32 20.53 7.21
CA LEU E 45 -17.77 21.63 6.45
C LEU E 45 -18.69 21.99 5.29
N GLU E 46 -18.55 23.21 4.80
CA GLU E 46 -19.33 23.69 3.66
C GLU E 46 -18.46 24.64 2.85
N TRP E 47 -18.78 24.75 1.55
CA TRP E 47 -17.92 25.42 0.59
C TRP E 47 -18.53 26.77 0.18
N MET E 48 -17.65 27.70 -0.21
CA MET E 48 -18.06 29.05 -0.57
C MET E 48 -17.71 29.42 -2.00
N GLY E 49 -16.46 29.25 -2.42
CA GLY E 49 -16.03 29.62 -3.75
C GLY E 49 -14.63 30.20 -3.72
N TRP E 50 -13.95 30.11 -4.86
CA TRP E 50 -12.54 30.49 -4.91
C TRP E 50 -12.36 31.87 -5.53
N ILE E 51 -11.10 32.26 -5.62
CA ILE E 51 -10.66 33.49 -6.28
C ILE E 51 -9.46 33.14 -7.15
N SER E 52 -9.46 33.61 -8.39
CA SER E 52 -8.27 33.51 -9.21
C SER E 52 -7.53 34.84 -9.11
N PRO E 53 -6.43 34.92 -8.34
CA PRO E 53 -5.82 36.24 -8.07
C PRO E 53 -4.88 36.72 -9.15
N ASP E 54 -5.28 36.56 -10.42
CA ASP E 54 -4.64 37.23 -11.53
C ASP E 54 -5.67 37.85 -12.48
N SER E 55 -6.95 37.61 -12.23
CA SER E 55 -8.04 38.17 -13.01
C SER E 55 -9.24 38.32 -12.07
N ASP E 56 -10.42 38.50 -12.65
CA ASP E 56 -11.66 38.59 -11.88
C ASP E 56 -12.57 37.44 -12.30
N ASP E 57 -12.36 36.29 -11.67
CA ASP E 57 -13.20 35.10 -11.89
C ASP E 57 -13.48 34.51 -10.51
N THR E 58 -14.64 34.81 -9.95
CA THR E 58 -15.03 34.37 -8.62
C THR E 58 -16.24 33.45 -8.73
N ASN E 59 -15.98 32.16 -8.96
CA ASN E 59 -17.06 31.18 -8.98
C ASN E 59 -17.56 30.94 -7.56
N TYR E 60 -18.87 30.78 -7.42
CA TYR E 60 -19.50 30.51 -6.13
C TYR E 60 -20.31 29.22 -6.19
N ALA E 61 -20.72 28.76 -5.01
CA ALA E 61 -21.58 27.59 -4.93
C ALA E 61 -23.02 27.98 -5.20
N GLN E 62 -23.86 26.96 -5.41
CA GLN E 62 -25.26 27.22 -5.74
C GLN E 62 -26.05 27.72 -4.54
N SER E 63 -25.62 27.39 -3.32
CA SER E 63 -26.32 27.85 -2.13
C SER E 63 -25.99 29.29 -1.77
N PHE E 64 -24.93 29.85 -2.35
CA PHE E 64 -24.52 31.23 -2.11
C PHE E 64 -24.22 31.93 -3.43
N GLN E 65 -25.12 31.78 -4.40
CA GLN E 65 -24.88 32.30 -5.75
C GLN E 65 -24.95 33.82 -5.78
N GLY E 66 -25.93 34.41 -5.11
CA GLY E 66 -26.08 35.85 -5.13
C GLY E 66 -26.16 36.49 -3.77
N ARG E 67 -25.64 35.80 -2.75
CA ARG E 67 -25.65 36.32 -1.40
C ARG E 67 -24.28 36.78 -0.92
N VAL E 68 -23.22 36.56 -1.70
CA VAL E 68 -21.87 36.94 -1.30
C VAL E 68 -21.33 37.97 -2.27
N THR E 69 -20.36 38.75 -1.79
CA THR E 69 -19.60 39.68 -2.60
C THR E 69 -18.13 39.38 -2.39
N MET E 70 -17.41 39.14 -3.47
CA MET E 70 -16.04 38.65 -3.39
C MET E 70 -15.13 39.62 -4.11
N THR E 71 -14.04 40.02 -3.45
CA THR E 71 -13.18 41.07 -3.97
C THR E 71 -11.72 40.73 -3.71
N ARG E 72 -10.87 40.95 -4.71
CA ARG E 72 -9.43 40.81 -4.56
C ARG E 72 -8.81 42.20 -4.42
N ASP E 73 -7.90 42.34 -3.46
CA ASP E 73 -7.12 43.57 -3.29
C ASP E 73 -5.64 43.20 -3.37
N THR E 74 -5.10 43.21 -4.59
CA THR E 74 -3.71 42.81 -4.80
C THR E 74 -2.73 43.93 -4.44
N SER E 75 -3.22 45.15 -4.26
CA SER E 75 -2.34 46.25 -3.86
C SER E 75 -1.84 46.07 -2.43
N ILE E 76 -2.66 45.50 -1.55
CA ILE E 76 -2.28 45.21 -0.18
C ILE E 76 -2.23 43.72 0.10
N THR E 77 -2.08 42.90 -0.95
CA THR E 77 -2.01 41.43 -0.97
C THR E 77 -2.97 40.72 -0.02
N THR E 78 -4.20 41.21 0.08
CA THR E 78 -5.25 40.56 0.85
C THR E 78 -6.44 40.23 -0.04
N VAL E 79 -7.32 39.37 0.47
CA VAL E 79 -8.55 38.98 -0.21
C VAL E 79 -9.71 39.25 0.72
N TYR E 80 -10.72 39.97 0.23
CA TYR E 80 -11.89 40.35 1.02
C TYR E 80 -13.09 39.53 0.62
N MET E 81 -14.07 39.44 1.51
CA MET E 81 -15.39 38.93 1.16
C MET E 81 -16.44 39.54 2.08
N GLU E 82 -17.68 39.55 1.60
CA GLU E 82 -18.80 40.13 2.32
C GLU E 82 -19.96 39.13 2.34
N LEU E 83 -20.84 39.28 3.32
CA LEU E 83 -22.09 38.55 3.39
C LEU E 83 -23.26 39.52 3.42
N SER E 84 -24.30 39.20 2.65
CA SER E 84 -25.49 40.03 2.56
C SER E 84 -26.62 39.38 3.33
N SER E 85 -27.18 40.12 4.29
CA SER E 85 -28.32 39.71 5.11
C SER E 85 -28.06 38.39 5.84
N LEU E 86 -27.07 38.43 6.72
CA LEU E 86 -26.71 37.25 7.50
C LEU E 86 -27.83 36.92 8.49
N ARG E 87 -28.10 35.63 8.64
CA ARG E 87 -29.12 35.11 9.53
C ARG E 87 -28.47 34.29 10.64
N SER E 88 -29.30 33.69 11.48
CA SER E 88 -28.80 32.82 12.55
C SER E 88 -28.27 31.50 12.01
N ASP E 89 -28.59 31.14 10.77
CA ASP E 89 -28.07 29.91 10.19
C ASP E 89 -26.62 30.06 9.74
N ASP E 90 -26.17 31.29 9.51
CA ASP E 90 -24.82 31.54 9.03
C ASP E 90 -23.82 31.81 10.16
N THR E 91 -24.25 31.71 11.42
CA THR E 91 -23.34 31.85 12.55
C THR E 91 -22.38 30.68 12.56
N ALA E 92 -21.11 30.94 12.24
CA ALA E 92 -20.16 29.87 11.97
C ALA E 92 -18.75 30.44 12.10
N VAL E 93 -17.76 29.65 11.70
CA VAL E 93 -16.38 30.11 11.56
C VAL E 93 -15.99 29.92 10.10
N TYR E 94 -15.12 30.81 9.62
CA TYR E 94 -14.76 30.86 8.20
C TYR E 94 -13.25 30.74 8.04
N PHE E 95 -12.81 29.75 7.26
CA PHE E 95 -11.42 29.60 6.87
C PHE E 95 -11.25 30.04 5.42
N CYS E 96 -10.07 30.56 5.11
CA CYS E 96 -9.63 30.73 3.73
C CYS E 96 -8.43 29.80 3.52
N ALA E 97 -8.41 29.11 2.39
CA ALA E 97 -7.43 28.07 2.15
C ALA E 97 -6.83 28.22 0.77
N ARG E 98 -5.55 27.90 0.66
CA ARG E 98 -4.82 27.98 -0.60
C ARG E 98 -4.65 26.58 -1.16
N SER E 99 -5.23 26.35 -2.34
CA SER E 99 -5.07 25.08 -3.03
C SER E 99 -3.80 25.12 -3.88
N VAL E 100 -3.12 23.97 -3.97
CA VAL E 100 -1.91 23.90 -4.77
C VAL E 100 -2.28 24.02 -6.24
N GLY E 101 -1.36 24.57 -7.03
CA GLY E 101 -1.65 24.81 -8.41
C GLY E 101 -2.60 25.99 -8.60
N TYR E 102 -3.13 26.08 -9.81
CA TYR E 102 -4.04 27.16 -10.15
C TYR E 102 -4.86 26.77 -11.37
N CYS E 103 -6.17 26.65 -11.20
CA CYS E 103 -7.04 26.55 -12.37
C CYS E 103 -8.34 27.24 -12.03
N SER E 104 -8.92 27.90 -13.03
CA SER E 104 -10.15 28.67 -12.85
C SER E 104 -11.33 28.08 -13.61
N LEU E 105 -11.14 26.98 -14.32
CA LEU E 105 -12.27 26.34 -14.99
C LEU E 105 -13.12 25.58 -13.97
N ASN E 106 -14.32 25.22 -14.42
CA ASN E 106 -15.21 24.44 -13.56
C ASN E 106 -14.75 23.00 -13.45
N SER E 107 -14.35 22.39 -14.57
CA SER E 107 -13.97 20.98 -14.60
C SER E 107 -12.47 20.80 -14.50
N CYS E 108 -11.89 21.32 -13.42
CA CYS E 108 -10.48 21.07 -13.14
C CYS E 108 -10.22 20.83 -11.66
N GLN E 109 -11.25 20.81 -10.83
CA GLN E 109 -11.06 20.79 -9.38
C GLN E 109 -10.78 19.39 -8.84
N ARG E 110 -10.75 18.37 -9.70
CA ARG E 110 -10.39 17.03 -9.25
C ARG E 110 -8.92 16.94 -8.84
N TRP E 111 -8.09 17.88 -9.27
CA TRP E 111 -6.70 17.97 -8.85
C TRP E 111 -6.48 19.18 -7.93
N MET E 112 -7.46 19.45 -7.08
CA MET E 112 -7.43 20.63 -6.20
C MET E 112 -7.74 20.19 -4.77
N TRP E 113 -6.75 20.31 -3.89
CA TRP E 113 -6.94 20.08 -2.47
C TRP E 113 -6.36 21.25 -1.69
N PHE E 114 -7.07 21.65 -0.64
CA PHE E 114 -6.68 22.81 0.14
C PHE E 114 -5.48 22.47 1.01
N ASP E 115 -4.30 22.94 0.63
CA ASP E 115 -3.06 22.55 1.30
C ASP E 115 -2.90 23.24 2.64
N THR E 116 -2.83 24.57 2.65
CA THR E 116 -2.63 25.33 3.87
C THR E 116 -3.90 26.11 4.22
N TRP E 117 -4.16 26.24 5.51
CA TRP E 117 -5.38 26.86 6.01
C TRP E 117 -5.02 27.94 7.01
N GLY E 118 -5.70 29.08 6.92
CA GLY E 118 -5.52 30.12 7.89
C GLY E 118 -6.25 29.83 9.19
N GLN E 119 -6.01 30.67 10.19
CA GLN E 119 -6.69 30.52 11.46
C GLN E 119 -8.16 30.91 11.34
N GLY E 120 -8.95 30.46 12.30
CA GLY E 120 -10.38 30.73 12.26
C GLY E 120 -10.74 32.09 12.82
N ALA E 121 -11.88 32.60 12.36
CA ALA E 121 -12.49 33.82 12.91
C ALA E 121 -14.00 33.61 12.91
N LEU E 122 -14.57 33.46 14.10
CA LEU E 122 -15.98 33.11 14.25
C LEU E 122 -16.84 34.36 14.24
N VAL E 123 -18.00 34.26 13.60
CA VAL E 123 -18.97 35.33 13.54
C VAL E 123 -20.32 34.78 13.99
N THR E 124 -21.07 35.58 14.75
CA THR E 124 -22.29 35.12 15.39
C THR E 124 -23.46 36.00 14.98
N VAL E 125 -24.61 35.78 15.64
CA VAL E 125 -25.82 36.53 15.37
C VAL E 125 -25.87 37.76 16.27
N VAL F 2 -6.47 -23.60 25.20
CA VAL F 2 -7.53 -24.36 24.56
C VAL F 2 -7.47 -25.81 25.00
N GLN F 3 -8.52 -26.57 24.68
CA GLN F 3 -8.60 -27.98 25.04
C GLN F 3 -7.76 -28.80 24.06
N LEU F 4 -6.86 -29.62 24.61
CA LEU F 4 -5.99 -30.45 23.77
C LEU F 4 -5.71 -31.72 24.57
N VAL F 5 -6.50 -32.76 24.31
CA VAL F 5 -6.38 -34.04 24.99
C VAL F 5 -6.17 -35.12 23.93
N GLN F 6 -5.17 -35.97 24.13
CA GLN F 6 -4.86 -37.04 23.22
C GLN F 6 -5.04 -38.39 23.91
N SER F 7 -5.41 -39.40 23.12
CA SER F 7 -5.75 -40.70 23.66
C SER F 7 -4.52 -41.44 24.17
N GLY F 8 -4.75 -42.38 25.09
CA GLY F 8 -3.67 -43.14 25.67
C GLY F 8 -3.11 -44.18 24.72
N ALA F 9 -2.01 -44.80 25.15
CA ALA F 9 -1.32 -45.80 24.38
C ALA F 9 -1.16 -47.09 25.18
N GLU F 10 -0.85 -48.17 24.47
CA GLU F 10 -0.74 -49.50 25.06
C GLU F 10 0.69 -50.02 24.87
N VAL F 11 1.23 -50.61 25.94
CA VAL F 11 2.59 -51.13 25.88
C VAL F 11 2.70 -52.21 24.82
N LYS F 12 3.73 -52.15 24.00
CA LYS F 12 3.80 -53.12 22.91
C LYS F 12 5.11 -53.91 22.87
N LYS F 13 5.13 -54.98 22.09
CA LYS F 13 6.33 -55.80 21.95
C LYS F 13 7.07 -55.36 20.71
N PRO F 14 8.40 -55.35 20.76
CA PRO F 14 9.16 -54.78 19.63
C PRO F 14 8.96 -55.58 18.35
N GLY F 15 8.94 -54.85 17.23
CA GLY F 15 8.65 -55.45 15.94
C GLY F 15 7.17 -55.34 15.60
N ALA F 16 6.56 -54.21 15.92
CA ALA F 16 5.14 -54.01 15.69
C ALA F 16 4.86 -52.53 15.51
N SER F 17 3.68 -52.22 14.98
CA SER F 17 3.25 -50.86 14.70
C SER F 17 2.22 -50.43 15.72
N VAL F 18 2.36 -49.22 16.25
CA VAL F 18 1.45 -48.66 17.24
C VAL F 18 0.94 -47.33 16.71
N LYS F 19 -0.29 -47.00 17.09
CA LYS F 19 -0.94 -45.77 16.66
C LYS F 19 -1.18 -44.87 17.87
N VAL F 20 -0.70 -43.63 17.78
CA VAL F 20 -0.93 -42.62 18.81
C VAL F 20 -1.74 -41.49 18.17
N SER F 21 -2.89 -41.18 18.75
CA SER F 21 -3.83 -40.24 18.17
C SER F 21 -3.91 -38.98 19.03
N CYS F 22 -3.88 -37.82 18.38
CA CYS F 22 -4.03 -36.53 19.02
C CYS F 22 -5.33 -35.89 18.59
N LYS F 23 -6.13 -35.45 19.55
CA LYS F 23 -7.42 -34.84 19.27
C LYS F 23 -7.35 -33.35 19.62
N ALA F 24 -7.94 -32.53 18.75
CA ALA F 24 -7.93 -31.08 18.91
C ALA F 24 -9.34 -30.54 18.91
N SER F 25 -9.58 -29.56 19.78
CA SER F 25 -10.90 -28.94 19.89
C SER F 25 -10.74 -27.54 20.45
N GLY F 26 -11.79 -26.73 20.28
CA GLY F 26 -11.81 -25.37 20.78
C GLY F 26 -11.20 -24.33 19.87
N TYR F 27 -10.62 -24.74 18.74
CA TYR F 27 -10.00 -23.80 17.82
C TYR F 27 -10.17 -24.35 16.40
N ILE F 28 -9.78 -23.54 15.43
CA ILE F 28 -9.92 -23.92 14.03
C ILE F 28 -8.76 -24.85 13.67
N PHE F 29 -9.10 -26.09 13.30
CA PHE F 29 -8.11 -27.14 13.14
C PHE F 29 -7.23 -26.92 11.92
N SER F 30 -7.67 -26.14 10.94
CA SER F 30 -6.96 -25.96 9.69
C SER F 30 -6.08 -24.71 9.67
N ASP F 31 -5.81 -24.09 10.83
CA ASP F 31 -5.08 -22.83 10.86
C ASP F 31 -3.97 -22.85 11.90
N TYR F 32 -3.40 -24.01 12.17
CA TYR F 32 -2.33 -24.14 13.16
C TYR F 32 -1.49 -25.35 12.80
N ASN F 33 -0.39 -25.53 13.54
CA ASN F 33 0.52 -26.64 13.33
C ASN F 33 0.55 -27.53 14.56
N ILE F 34 0.79 -28.82 14.33
CA ILE F 34 0.84 -29.83 15.38
C ILE F 34 2.21 -30.48 15.37
N HIS F 35 2.89 -30.48 16.51
CA HIS F 35 4.24 -31.02 16.63
C HIS F 35 4.25 -32.22 17.56
N TRP F 36 5.11 -33.18 17.25
CA TRP F 36 5.26 -34.41 18.02
C TRP F 36 6.60 -34.40 18.76
N VAL F 37 6.53 -34.49 20.09
CA VAL F 37 7.71 -34.43 20.96
C VAL F 37 7.55 -35.51 22.03
N ARG F 38 8.62 -36.26 22.29
CA ARG F 38 8.56 -37.36 23.24
C ARG F 38 9.48 -37.14 24.43
N GLN F 39 9.12 -37.76 25.56
CA GLN F 39 9.90 -37.74 26.80
C GLN F 39 10.27 -39.16 27.19
N ALA F 40 11.56 -39.48 27.07
CA ALA F 40 12.16 -40.71 27.56
C ALA F 40 13.06 -40.43 28.75
N PRO F 41 13.15 -41.34 29.72
CA PRO F 41 14.04 -41.10 30.87
C PRO F 41 15.50 -41.11 30.47
N GLY F 42 16.29 -40.31 31.19
CA GLY F 42 17.70 -40.16 30.90
C GLY F 42 18.02 -39.17 29.80
N GLN F 43 17.02 -38.48 29.25
CA GLN F 43 17.22 -37.52 28.18
C GLN F 43 16.12 -36.48 28.25
N GLY F 44 16.33 -35.36 27.57
CA GLY F 44 15.33 -34.31 27.47
C GLY F 44 14.32 -34.61 26.38
N LEU F 45 13.56 -33.56 26.03
CA LEU F 45 12.61 -33.67 24.93
C LEU F 45 13.32 -33.88 23.61
N GLU F 46 12.73 -34.74 22.78
CA GLU F 46 13.24 -35.04 21.44
C GLU F 46 12.16 -34.68 20.43
N TRP F 47 12.55 -34.06 19.33
CA TRP F 47 11.61 -33.52 18.36
C TRP F 47 11.62 -34.36 17.09
N MET F 48 10.44 -34.53 16.49
CA MET F 48 10.27 -35.39 15.33
C MET F 48 9.86 -34.65 14.07
N GLY F 49 8.75 -33.91 14.10
CA GLY F 49 8.25 -33.28 12.89
C GLY F 49 6.91 -32.64 13.12
N TRP F 50 6.39 -32.02 12.07
CA TRP F 50 5.12 -31.30 12.14
C TRP F 50 4.28 -31.64 10.92
N ILE F 51 2.97 -31.45 11.08
CA ILE F 51 1.99 -31.72 10.02
C ILE F 51 1.20 -30.44 9.80
N SER F 52 1.02 -30.07 8.53
CA SER F 52 0.15 -28.95 8.20
C SER F 52 -1.22 -29.50 7.82
N PRO F 53 -2.28 -29.27 8.63
CA PRO F 53 -3.60 -29.86 8.39
C PRO F 53 -4.43 -29.17 7.31
N ASP F 54 -3.80 -28.86 6.19
CA ASP F 54 -4.51 -28.40 5.00
C ASP F 54 -4.03 -29.05 3.71
N SER F 55 -2.89 -29.74 3.73
CA SER F 55 -2.36 -30.44 2.57
C SER F 55 -1.46 -31.57 3.08
N ASP F 56 -0.69 -32.16 2.18
CA ASP F 56 0.12 -33.33 2.50
C ASP F 56 1.55 -32.96 2.89
N ASP F 57 1.92 -31.68 2.79
CA ASP F 57 3.30 -31.27 3.02
C ASP F 57 3.67 -31.38 4.50
N THR F 58 4.59 -32.29 4.80
CA THR F 58 5.07 -32.52 6.16
C THR F 58 6.61 -32.47 6.16
N ASN F 59 7.18 -32.52 7.37
CA ASN F 59 8.62 -32.58 7.50
C ASN F 59 8.96 -33.56 8.62
N TYR F 60 10.14 -34.16 8.51
CA TYR F 60 10.64 -35.15 9.45
C TYR F 60 11.91 -34.62 10.10
N ALA F 61 12.52 -35.45 10.94
CA ALA F 61 13.82 -35.18 11.54
C ALA F 61 14.88 -36.06 10.90
N GLN F 62 16.13 -35.64 11.04
CA GLN F 62 17.24 -36.41 10.47
C GLN F 62 17.53 -37.69 11.24
N SER F 63 17.01 -37.84 12.45
CA SER F 63 17.15 -39.07 13.21
C SER F 63 15.96 -40.01 13.06
N PHE F 64 14.74 -39.47 13.02
CA PHE F 64 13.53 -40.26 12.81
C PHE F 64 13.13 -40.10 11.34
N GLN F 65 13.59 -41.01 10.50
CA GLN F 65 13.25 -41.00 9.09
C GLN F 65 12.51 -42.25 8.65
N GLY F 66 13.02 -43.44 8.98
CA GLY F 66 12.37 -44.68 8.63
C GLY F 66 11.55 -45.31 9.74
N ARG F 67 11.27 -44.58 10.82
CA ARG F 67 10.53 -45.13 11.94
C ARG F 67 9.22 -44.42 12.22
N VAL F 68 8.98 -43.26 11.64
CA VAL F 68 7.77 -42.48 11.91
C VAL F 68 7.11 -42.10 10.58
N THR F 69 5.79 -42.27 10.54
CA THR F 69 4.96 -41.79 9.44
C THR F 69 3.81 -41.00 10.03
N MET F 70 3.60 -39.79 9.53
CA MET F 70 2.66 -38.85 10.12
C MET F 70 1.60 -38.49 9.08
N THR F 71 0.33 -38.74 9.42
CA THR F 71 -0.79 -38.47 8.54
C THR F 71 -1.85 -37.67 9.30
N ARG F 72 -2.78 -37.09 8.56
CA ARG F 72 -3.78 -36.19 9.12
C ARG F 72 -5.18 -36.69 8.78
N ASP F 73 -6.17 -35.99 9.34
CA ASP F 73 -7.58 -36.26 9.07
C ASP F 73 -8.34 -34.96 9.21
N THR F 74 -9.45 -34.83 8.49
CA THR F 74 -10.21 -33.59 8.44
C THR F 74 -11.58 -33.70 9.09
N SER F 75 -12.29 -34.83 8.91
CA SER F 75 -13.64 -34.92 9.43
C SER F 75 -13.67 -35.15 10.94
N ILE F 76 -12.69 -35.88 11.48
CA ILE F 76 -12.59 -36.04 12.93
C ILE F 76 -11.75 -34.94 13.54
N THR F 77 -10.92 -34.25 12.73
CA THR F 77 -9.92 -33.27 13.17
C THR F 77 -8.96 -33.88 14.20
N THR F 78 -8.42 -35.05 13.85
CA THR F 78 -7.41 -35.72 14.65
C THR F 78 -6.19 -36.03 13.79
N VAL F 79 -5.01 -35.98 14.39
CA VAL F 79 -3.76 -36.27 13.70
C VAL F 79 -3.26 -37.63 14.16
N TYR F 80 -2.97 -38.51 13.21
CA TYR F 80 -2.54 -39.88 13.49
C TYR F 80 -1.05 -40.01 13.19
N MET F 81 -0.31 -40.57 14.15
CA MET F 81 1.11 -40.78 13.99
C MET F 81 1.45 -42.24 14.28
N GLU F 82 2.25 -42.84 13.41
CA GLU F 82 2.59 -44.25 13.47
C GLU F 82 4.07 -44.42 13.81
N LEU F 83 4.36 -45.39 14.68
CA LEU F 83 5.72 -45.78 15.01
C LEU F 83 5.99 -47.15 14.40
N SER F 84 7.00 -47.24 13.55
CA SER F 84 7.34 -48.48 12.86
C SER F 84 8.75 -48.91 13.23
N SER F 85 8.94 -50.22 13.38
CA SER F 85 10.21 -50.84 13.76
C SER F 85 10.76 -50.25 15.07
N LEU F 86 9.88 -50.16 16.06
CA LEU F 86 10.24 -49.59 17.35
C LEU F 86 11.22 -50.50 18.09
N ARG F 87 12.15 -49.89 18.81
CA ARG F 87 13.18 -50.60 19.55
C ARG F 87 13.10 -50.22 21.02
N SER F 88 14.10 -50.68 21.79
CA SER F 88 14.14 -50.43 23.22
C SER F 88 14.47 -48.99 23.58
N ASP F 89 14.97 -48.21 22.63
CA ASP F 89 15.29 -46.81 22.87
C ASP F 89 14.09 -45.89 22.68
N ASP F 90 12.93 -46.44 22.30
CA ASP F 90 11.73 -45.66 22.06
C ASP F 90 10.73 -45.70 23.22
N THR F 91 11.16 -46.17 24.39
CA THR F 91 10.30 -46.18 25.56
C THR F 91 10.12 -44.76 26.05
N ALA F 92 9.00 -44.14 25.69
CA ALA F 92 8.78 -42.74 26.00
C ALA F 92 7.30 -42.46 26.06
N VAL F 93 6.95 -41.37 26.74
CA VAL F 93 5.60 -40.81 26.67
C VAL F 93 5.59 -39.79 25.54
N TYR F 94 4.43 -39.59 24.94
CA TYR F 94 4.32 -38.86 23.69
C TYR F 94 3.47 -37.62 23.88
N PHE F 95 4.02 -36.47 23.48
CA PHE F 95 3.34 -35.18 23.58
C PHE F 95 3.02 -34.68 22.18
N CYS F 96 1.76 -34.30 21.97
CA CYS F 96 1.37 -33.58 20.77
C CYS F 96 1.11 -32.13 21.17
N ALA F 97 1.81 -31.20 20.52
CA ALA F 97 1.84 -29.80 20.94
C ALA F 97 1.27 -28.93 19.83
N ARG F 98 0.30 -28.09 20.19
CA ARG F 98 -0.20 -27.06 19.28
C ARG F 98 0.76 -25.89 19.31
N SER F 99 1.25 -25.49 18.14
CA SER F 99 2.20 -24.40 18.01
C SER F 99 1.52 -23.19 17.40
N VAL F 100 1.67 -22.03 18.03
CA VAL F 100 1.02 -20.82 17.56
C VAL F 100 1.67 -20.37 16.25
N GLY F 101 0.86 -19.77 15.39
CA GLY F 101 1.34 -19.40 14.07
C GLY F 101 1.17 -20.52 13.06
N TYR F 102 1.82 -20.33 11.91
CA TYR F 102 1.69 -21.29 10.82
C TYR F 102 2.94 -21.19 9.96
N CYS F 103 3.77 -22.24 9.99
CA CYS F 103 4.96 -22.30 9.17
C CYS F 103 5.00 -23.64 8.45
N SER F 104 5.54 -23.61 7.23
CA SER F 104 5.67 -24.82 6.42
C SER F 104 7.04 -24.97 5.78
N LEU F 105 7.94 -24.01 5.99
CA LEU F 105 9.29 -24.08 5.45
C LEU F 105 10.30 -24.24 6.57
N ASN F 106 11.52 -24.63 6.20
CA ASN F 106 12.59 -24.85 7.16
C ASN F 106 13.30 -23.55 7.56
N SER F 107 13.00 -22.44 6.89
CA SER F 107 13.52 -21.14 7.27
C SER F 107 12.49 -20.31 8.04
N CYS F 108 11.40 -20.94 8.48
CA CYS F 108 10.30 -20.26 9.14
C CYS F 108 10.23 -20.54 10.63
N GLN F 109 10.86 -21.62 11.11
CA GLN F 109 10.61 -22.16 12.44
C GLN F 109 11.22 -21.34 13.56
N ARG F 110 11.99 -20.29 13.26
CA ARG F 110 12.60 -19.50 14.33
C ARG F 110 11.58 -18.71 15.13
N TRP F 111 10.39 -18.47 14.58
CA TRP F 111 9.31 -17.83 15.30
C TRP F 111 8.27 -18.83 15.80
N MET F 112 8.52 -20.13 15.61
CA MET F 112 7.58 -21.18 15.97
C MET F 112 7.83 -21.62 17.40
N TRP F 113 7.10 -21.00 18.32
CA TRP F 113 7.09 -21.39 19.73
C TRP F 113 5.74 -22.03 20.03
N PHE F 114 5.78 -23.16 20.74
CA PHE F 114 4.57 -23.93 21.01
C PHE F 114 3.61 -23.15 21.90
N ASP F 115 2.32 -23.44 21.78
CA ASP F 115 1.29 -22.76 22.55
C ASP F 115 0.71 -23.64 23.64
N THR F 116 0.15 -24.80 23.28
CA THR F 116 -0.46 -25.71 24.25
C THR F 116 0.04 -27.12 23.97
N TRP F 117 0.37 -27.84 25.05
CA TRP F 117 0.81 -29.23 24.94
C TRP F 117 -0.33 -30.15 25.37
N GLY F 118 -0.05 -31.45 25.47
CA GLY F 118 -1.06 -32.40 25.86
C GLY F 118 -0.51 -33.42 26.85
N GLN F 119 -1.43 -34.10 27.52
CA GLN F 119 -1.05 -35.15 28.47
C GLN F 119 -0.49 -36.35 27.73
N GLY F 120 0.60 -36.91 28.24
CA GLY F 120 1.31 -37.95 27.52
C GLY F 120 0.64 -39.30 27.60
N ALA F 121 1.04 -40.17 26.67
CA ALA F 121 0.61 -41.56 26.62
C ALA F 121 1.83 -42.45 26.68
N LEU F 122 1.82 -43.41 27.61
CA LEU F 122 2.98 -44.25 27.85
C LEU F 122 3.16 -45.27 26.72
N VAL F 123 4.37 -45.33 26.16
CA VAL F 123 4.75 -46.34 25.19
C VAL F 123 6.01 -47.02 25.72
N THR F 124 5.97 -48.34 25.83
CA THR F 124 7.06 -49.12 26.41
C THR F 124 7.34 -50.32 25.52
N VAL F 125 8.62 -50.68 25.41
CA VAL F 125 9.03 -51.82 24.59
C VAL F 125 8.58 -53.11 25.27
C1 NAG G . -8.89 -22.01 -8.90
C2 NAG G . -10.01 -21.78 -9.91
C3 NAG G . -11.37 -22.16 -9.32
C4 NAG G . -11.33 -23.54 -8.68
C5 NAG G . -10.14 -23.61 -7.73
C6 NAG G . -10.05 -24.95 -7.03
C7 NAG G . -9.40 -19.95 -11.43
C8 NAG G . -9.40 -18.46 -11.64
N2 NAG G . -10.04 -20.39 -10.35
O3 NAG G . -12.37 -22.09 -10.35
O4 NAG G . -12.47 -23.78 -7.85
O5 NAG G . -8.93 -23.35 -8.43
O6 NAG G . -9.77 -25.93 -8.03
O7 NAG G . -8.85 -20.70 -12.21
C1 NAG H . -1.20 42.14 -25.80
C2 NAG H . -0.34 43.20 -26.47
C3 NAG H . 0.22 44.15 -25.43
C4 NAG H . -0.91 44.74 -24.60
C5 NAG H . -1.76 43.62 -23.99
C6 NAG H . -2.94 44.17 -23.20
C7 NAG H . 0.72 42.15 -28.41
C8 NAG H . 2.04 42.01 -29.11
N2 NAG H . 0.76 42.57 -27.15
O3 NAG H . 0.91 45.20 -26.10
O4 NAG H . -0.38 45.56 -23.55
O5 NAG H . -2.23 42.75 -25.01
O6 NAG H . -3.88 44.75 -24.10
O7 NAG H . -0.33 41.90 -28.99
#